data_6ZK0
#
_entry.id   6ZK0
#
_cell.length_a   84.020
_cell.length_b   84.020
_cell.length_c   150.220
_cell.angle_alpha   90.000
_cell.angle_beta   90.000
_cell.angle_gamma   120.000
#
_symmetry.space_group_name_H-M   'P 32 2 1'
#
loop_
_entity.id
_entity.type
_entity.pdbx_description
1 polymer 'Inositol monophosphatase 1'
2 non-polymer 'SODIUM ION'
3 non-polymer 'MANGANESE (II) ION'
4 non-polymer 'SULFATE ION'
5 non-polymer GLYCEROL
6 non-polymer N-phenyl-2-selanylbenzamide
7 non-polymer '2-(N-MORPHOLINO)-ETHANESULFONIC ACID'
8 water water
#
_entity_poly.entity_id   1
_entity_poly.type   'polypeptide(L)'
_entity_poly.pdbx_seq_one_letter_code
;GPMADPWQECMDYAVTLARQAGEVVCEAIKNEMNVMLKSSPVDLVTATDQKVEKMLISSIKEKYPSHSFIGEESVAAGEK
SILTDNPTWIIDPIDGTTNFVHRFPFVAVSIGFAVNKKIEFGVVYSCVEGKMYTARKGKGAFCNGQKLQVSQQEDITKSL
LVTELGSSRTPETVRMVLSNMEKLFCIPVHGIRSVGTAAVNMCLVATGGADAYYEMGIHCWDVAGAGIIVTEAGGVLMDV
TGGPFDLMSRRVIAANNRILAERIAKEIQVIPLQRDDED
;
_entity_poly.pdbx_strand_id   AAA,BBB
#
loop_
_chem_comp.id
_chem_comp.type
_chem_comp.name
_chem_comp.formula
9JT non-polymer N-phenyl-2-selanylbenzamide 'C13 H11 N O Se'
GOL non-polymer GLYCEROL 'C3 H8 O3'
MES non-polymer '2-(N-MORPHOLINO)-ETHANESULFONIC ACID' 'C6 H13 N O4 S'
MN non-polymer 'MANGANESE (II) ION' 'Mn 2'
NA non-polymer 'SODIUM ION' 'Na 1'
SO4 non-polymer 'SULFATE ION' 'O4 S -2'
#
# COMPACT_ATOMS: atom_id res chain seq x y z
N PRO A 6 24.79 -2.81 -26.76
N PRO A 6 25.68 -0.47 -25.23
CA PRO A 6 25.91 -2.60 -25.83
CA PRO A 6 25.25 -1.86 -25.32
C PRO A 6 25.72 -3.50 -24.60
C PRO A 6 25.67 -2.76 -24.15
N TRP A 7 24.92 -3.00 -23.64
N TRP A 7 24.81 -3.74 -23.89
CA TRP A 7 24.27 -3.83 -22.64
CA TRP A 7 24.31 -4.16 -22.58
C TRP A 7 22.77 -3.85 -22.94
C TRP A 7 22.80 -4.13 -22.77
N GLN A 8 22.38 -3.28 -24.09
N GLN A 8 22.40 -3.43 -23.84
CA GLN A 8 20.97 -3.20 -24.48
CA GLN A 8 21.02 -3.26 -24.25
C GLN A 8 20.46 -4.60 -24.80
C GLN A 8 20.48 -4.63 -24.68
N GLU A 9 21.39 -5.47 -25.19
CA GLU A 9 21.11 -6.85 -25.48
C GLU A 9 20.76 -7.56 -24.17
N CYS A 10 21.62 -7.39 -23.16
N CYS A 10 21.62 -7.39 -23.16
CA CYS A 10 21.38 -7.96 -21.83
CA CYS A 10 21.36 -7.97 -21.85
C CYS A 10 20.03 -7.45 -21.34
C CYS A 10 20.02 -7.45 -21.35
N MET A 11 19.81 -6.15 -21.53
CA MET A 11 18.64 -5.54 -20.91
C MET A 11 17.38 -6.03 -21.58
N ASP A 12 17.36 -6.06 -22.92
CA ASP A 12 16.20 -6.59 -23.59
C ASP A 12 15.92 -8.00 -23.08
N TYR A 13 16.98 -8.79 -22.93
CA TYR A 13 16.86 -10.15 -22.44
C TYR A 13 16.28 -10.15 -21.02
N ALA A 14 16.82 -9.26 -20.18
CA ALA A 14 16.41 -9.14 -18.80
C ALA A 14 14.91 -8.84 -18.72
N VAL A 15 14.42 -7.98 -19.61
CA VAL A 15 13.02 -7.62 -19.60
C VAL A 15 12.17 -8.84 -19.94
N THR A 16 12.56 -9.58 -20.99
CA THR A 16 11.81 -10.80 -21.27
C THR A 16 11.86 -11.81 -20.14
N LEU A 17 13.02 -12.00 -19.50
CA LEU A 17 13.06 -12.94 -18.38
C LEU A 17 12.19 -12.45 -17.24
N ALA A 18 12.27 -11.15 -16.94
CA ALA A 18 11.44 -10.66 -15.85
C ALA A 18 9.99 -10.92 -16.15
N ARG A 19 9.59 -10.74 -17.42
CA ARG A 19 8.21 -10.91 -17.76
C ARG A 19 7.84 -12.39 -17.64
N GLN A 20 8.74 -13.28 -18.07
CA GLN A 20 8.53 -14.72 -17.96
C GLN A 20 8.44 -15.15 -16.50
N ALA A 21 9.34 -14.59 -15.67
CA ALA A 21 9.31 -14.94 -14.25
C ALA A 21 7.99 -14.45 -13.63
N GLY A 22 7.60 -13.24 -14.03
CA GLY A 22 6.35 -12.73 -13.47
C GLY A 22 5.12 -13.54 -13.85
N GLU A 23 5.13 -14.10 -15.07
N GLU A 23 5.14 -14.10 -15.07
CA GLU A 23 4.05 -14.99 -15.47
CA GLU A 23 4.09 -15.00 -15.52
C GLU A 23 4.04 -16.22 -14.56
C GLU A 23 4.04 -16.21 -14.58
N VAL A 24 5.21 -16.75 -14.23
CA VAL A 24 5.28 -17.87 -13.30
C VAL A 24 4.71 -17.44 -11.95
N VAL A 25 5.15 -16.25 -11.50
CA VAL A 25 4.69 -15.83 -10.18
C VAL A 25 3.17 -15.63 -10.19
N CYS A 26 2.67 -14.98 -11.24
N CYS A 26 2.62 -14.93 -11.18
CA CYS A 26 1.30 -14.51 -11.29
CA CYS A 26 1.21 -14.58 -11.14
C CYS A 26 0.37 -15.70 -11.58
C CYS A 26 0.36 -15.84 -11.34
N GLU A 27 0.93 -16.85 -12.00
CA GLU A 27 0.20 -18.11 -12.14
C GLU A 27 0.15 -18.82 -10.79
N ALA A 28 1.28 -18.81 -10.07
CA ALA A 28 1.36 -19.49 -8.78
C ALA A 28 0.50 -18.83 -7.71
N ILE A 29 0.26 -17.52 -7.84
CA ILE A 29 -0.35 -16.78 -6.76
C ILE A 29 -1.79 -17.24 -6.55
N LYS A 30 -2.40 -17.82 -7.59
N LYS A 30 -2.40 -17.81 -7.59
CA LYS A 30 -3.79 -18.21 -7.52
CA LYS A 30 -3.79 -18.23 -7.52
C LYS A 30 -3.90 -19.59 -6.87
C LYS A 30 -3.88 -19.54 -6.75
N ASN A 31 -2.74 -20.24 -6.65
CA ASN A 31 -2.68 -21.64 -6.22
C ASN A 31 -2.45 -21.73 -4.71
N GLU A 32 -2.72 -22.91 -4.13
N GLU A 32 -2.62 -22.94 -4.17
CA GLU A 32 -2.40 -23.18 -2.75
CA GLU A 32 -2.35 -23.30 -2.80
C GLU A 32 -0.88 -23.25 -2.62
C GLU A 32 -0.93 -22.86 -2.42
N MET A 33 -0.38 -22.76 -1.48
N MET A 33 -0.80 -22.37 -1.18
CA MET A 33 1.06 -22.60 -1.30
CA MET A 33 0.42 -21.73 -0.70
C MET A 33 1.51 -23.22 0.01
C MET A 33 1.03 -22.62 0.38
N ASN A 34 2.73 -23.73 -0.01
N ASN A 34 2.16 -23.25 0.06
CA ASN A 34 3.40 -24.22 1.17
CA ASN A 34 2.99 -23.91 1.06
C ASN A 34 4.35 -23.12 1.67
C ASN A 34 4.08 -22.94 1.50
N VAL A 35 3.93 -22.41 2.71
CA VAL A 35 4.75 -21.31 3.17
C VAL A 35 5.89 -21.88 4.02
N MET A 36 7.12 -21.57 3.65
CA MET A 36 8.28 -21.95 4.45
C MET A 36 8.94 -20.73 5.09
N LEU A 37 9.76 -20.98 6.12
CA LEU A 37 10.44 -19.93 6.86
C LEU A 37 11.92 -19.94 6.59
N LYS A 38 12.52 -18.76 6.67
CA LYS A 38 13.95 -18.66 6.61
C LYS A 38 14.45 -18.30 7.99
N SER A 39 14.77 -17.03 8.23
CA SER A 39 15.47 -16.63 9.43
C SER A 39 14.54 -16.39 10.63
N SER A 40 13.25 -16.16 10.39
CA SER A 40 12.33 -15.79 11.46
C SER A 40 10.95 -16.29 11.08
N PRO A 41 9.94 -16.23 11.98
CA PRO A 41 8.61 -16.70 11.65
C PRO A 41 7.89 -15.77 10.69
N VAL A 42 8.52 -14.64 10.38
CA VAL A 42 7.87 -13.78 9.39
C VAL A 42 8.71 -13.64 8.13
N ASP A 43 9.86 -14.32 8.02
CA ASP A 43 10.74 -14.23 6.86
C ASP A 43 10.42 -15.40 5.94
N LEU A 44 9.56 -15.19 4.93
CA LEU A 44 8.89 -16.26 4.25
C LEU A 44 9.57 -16.62 2.93
N VAL A 45 9.36 -17.88 2.54
CA VAL A 45 9.79 -18.26 1.20
C VAL A 45 8.89 -19.38 0.76
N THR A 46 8.69 -19.42 -0.54
CA THR A 46 7.92 -20.49 -1.14
C THR A 46 8.78 -21.18 -2.22
N ALA A 47 8.29 -22.36 -2.66
CA ALA A 47 8.95 -23.02 -3.77
C ALA A 47 8.92 -22.16 -5.03
N THR A 48 7.95 -21.24 -5.14
CA THR A 48 7.94 -20.34 -6.30
C THR A 48 9.15 -19.41 -6.27
N ASP A 49 9.50 -18.82 -5.10
CA ASP A 49 10.68 -17.99 -5.04
C ASP A 49 11.88 -18.73 -5.60
N GLN A 50 12.03 -19.95 -5.11
CA GLN A 50 13.21 -20.75 -5.45
C GLN A 50 13.21 -21.18 -6.90
N LYS A 51 12.06 -21.53 -7.43
CA LYS A 51 11.93 -21.98 -8.83
C LYS A 51 12.23 -20.83 -9.78
N VAL A 52 11.65 -19.66 -9.49
CA VAL A 52 11.90 -18.51 -10.32
C VAL A 52 13.36 -18.13 -10.29
N GLU A 53 14.02 -18.13 -9.11
CA GLU A 53 15.41 -17.73 -9.13
C GLU A 53 16.28 -18.70 -9.96
N LYS A 54 16.00 -19.99 -9.80
CA LYS A 54 16.77 -21.00 -10.52
C LYS A 54 16.59 -20.79 -12.01
N MET A 55 15.35 -20.52 -12.42
CA MET A 55 15.04 -20.30 -13.83
C MET A 55 15.81 -19.10 -14.35
N LEU A 56 15.79 -17.96 -13.60
CA LEU A 56 16.48 -16.77 -14.04
C LEU A 56 17.97 -17.08 -14.13
N ILE A 57 18.52 -17.74 -13.11
CA ILE A 57 19.97 -17.85 -13.11
C ILE A 57 20.42 -18.76 -14.26
N SER A 58 19.67 -19.82 -14.48
CA SER A 58 20.02 -20.76 -15.54
CA SER A 58 19.95 -20.79 -15.54
C SER A 58 19.85 -20.13 -16.92
N SER A 59 18.81 -19.31 -17.11
CA SER A 59 18.63 -18.64 -18.39
C SER A 59 19.74 -17.64 -18.65
N ILE A 60 20.14 -16.90 -17.62
CA ILE A 60 21.22 -15.95 -17.77
C ILE A 60 22.53 -16.72 -18.01
N LYS A 61 22.73 -17.82 -17.29
CA LYS A 61 23.99 -18.56 -17.38
C LYS A 61 24.18 -19.04 -18.82
N GLU A 62 23.09 -19.51 -19.45
CA GLU A 62 23.11 -20.02 -20.82
C GLU A 62 23.52 -18.91 -21.80
N LYS A 63 23.00 -17.68 -21.64
CA LYS A 63 23.24 -16.61 -22.58
C LYS A 63 24.55 -15.89 -22.28
N TYR A 64 24.87 -15.75 -20.99
CA TYR A 64 25.98 -14.91 -20.58
C TYR A 64 26.79 -15.75 -19.60
N PRO A 65 27.47 -16.81 -20.09
CA PRO A 65 28.15 -17.74 -19.20
C PRO A 65 29.23 -17.10 -18.33
N SER A 66 29.82 -15.97 -18.75
CA SER A 66 30.87 -15.37 -17.95
C SER A 66 30.33 -14.51 -16.81
N HIS A 67 29.02 -14.25 -16.77
CA HIS A 67 28.52 -13.27 -15.81
C HIS A 67 28.35 -13.85 -14.41
N SER A 68 28.37 -12.95 -13.41
CA SER A 68 28.21 -13.28 -12.00
C SER A 68 26.75 -13.06 -11.60
N PHE A 69 26.37 -13.67 -10.49
CA PHE A 69 25.02 -13.59 -9.94
C PHE A 69 25.04 -13.32 -8.46
N ILE A 70 24.04 -12.54 -8.04
CA ILE A 70 23.77 -12.50 -6.61
C ILE A 70 22.27 -12.59 -6.56
N GLY A 71 21.76 -13.65 -5.97
CA GLY A 71 20.33 -13.91 -5.89
C GLY A 71 19.92 -14.13 -4.44
N GLU A 72 18.75 -13.60 -4.02
CA GLU A 72 18.34 -13.76 -2.64
C GLU A 72 18.32 -15.23 -2.22
N GLU A 73 17.68 -16.11 -2.98
CA GLU A 73 17.50 -17.49 -2.54
C GLU A 73 18.81 -18.24 -2.70
N SER A 74 19.64 -17.76 -3.61
CA SER A 74 20.93 -18.40 -3.83
C SER A 74 21.81 -18.15 -2.61
N VAL A 75 21.76 -16.90 -2.10
CA VAL A 75 22.43 -16.53 -0.86
C VAL A 75 21.89 -17.38 0.30
N ALA A 76 20.58 -17.60 0.37
CA ALA A 76 19.96 -18.44 1.40
C ALA A 76 20.51 -19.87 1.33
N ALA A 77 20.85 -20.33 0.13
CA ALA A 77 21.40 -21.65 -0.15
C ALA A 77 22.91 -21.71 0.05
N GLY A 78 23.54 -20.58 0.41
CA GLY A 78 24.94 -20.61 0.76
C GLY A 78 25.88 -19.78 -0.13
N GLU A 79 25.40 -19.20 -1.23
CA GLU A 79 26.25 -18.38 -2.10
C GLU A 79 26.59 -17.05 -1.44
N LYS A 80 27.65 -16.39 -1.96
CA LYS A 80 28.21 -15.15 -1.43
C LYS A 80 27.47 -13.96 -2.02
N SER A 81 27.34 -12.90 -1.22
CA SER A 81 26.75 -11.65 -1.68
C SER A 81 27.83 -10.57 -1.92
N ILE A 82 28.96 -11.00 -2.49
N ILE A 82 28.97 -11.00 -2.45
CA ILE A 82 30.12 -10.16 -2.79
CA ILE A 82 30.11 -10.13 -2.76
C ILE A 82 30.03 -9.66 -4.23
C ILE A 82 30.00 -9.66 -4.22
N LEU A 83 30.04 -8.34 -4.41
CA LEU A 83 29.95 -7.72 -5.72
C LEU A 83 31.35 -7.39 -6.25
N THR A 84 31.79 -8.15 -7.26
CA THR A 84 33.01 -7.82 -7.96
C THR A 84 32.69 -6.88 -9.13
N ASP A 85 33.70 -6.66 -9.97
CA ASP A 85 33.65 -5.76 -11.10
C ASP A 85 32.96 -6.42 -12.30
N ASN A 86 32.93 -7.76 -12.29
CA ASN A 86 32.39 -8.61 -13.33
C ASN A 86 30.93 -8.23 -13.55
N PRO A 87 30.37 -8.30 -14.79
CA PRO A 87 28.92 -8.13 -15.00
C PRO A 87 28.19 -9.05 -14.03
N THR A 88 27.33 -8.46 -13.18
CA THR A 88 26.69 -9.23 -12.13
C THR A 88 25.19 -8.96 -12.16
N TRP A 89 24.41 -10.03 -12.22
CA TRP A 89 22.95 -9.96 -12.17
C TRP A 89 22.53 -10.13 -10.71
N ILE A 90 21.77 -9.15 -10.19
CA ILE A 90 21.37 -9.10 -8.79
C ILE A 90 19.86 -9.27 -8.72
N ILE A 91 19.44 -10.45 -8.29
CA ILE A 91 18.06 -10.87 -8.50
C ILE A 91 17.32 -11.02 -7.18
N ASP A 92 16.07 -10.50 -7.15
CA ASP A 92 15.11 -10.85 -6.14
C ASP A 92 13.98 -11.51 -6.89
N PRO A 93 13.80 -12.83 -6.81
CA PRO A 93 12.86 -13.53 -7.67
C PRO A 93 11.44 -13.18 -7.32
N ILE A 94 11.16 -12.95 -6.02
CA ILE A 94 9.86 -12.40 -5.64
C ILE A 94 10.15 -11.39 -4.55
N ASP A 95 9.95 -10.13 -4.91
CA ASP A 95 10.10 -9.09 -3.89
C ASP A 95 8.67 -8.80 -3.47
N GLY A 96 8.33 -9.15 -2.22
CA GLY A 96 6.94 -9.21 -1.83
C GLY A 96 6.44 -10.64 -1.62
N THR A 97 7.32 -11.48 -1.06
CA THR A 97 6.87 -12.86 -0.80
C THR A 97 5.73 -12.91 0.21
N THR A 98 5.80 -12.05 1.25
CA THR A 98 4.67 -12.04 2.15
C THR A 98 3.40 -11.62 1.44
N ASN A 99 3.50 -10.60 0.57
CA ASN A 99 2.30 -10.27 -0.19
C ASN A 99 1.82 -11.42 -1.07
N PHE A 100 2.78 -12.10 -1.73
CA PHE A 100 2.47 -13.21 -2.60
C PHE A 100 1.66 -14.29 -1.84
N VAL A 101 2.11 -14.64 -0.63
N VAL A 101 2.16 -14.64 -0.65
CA VAL A 101 1.40 -15.72 0.05
CA VAL A 101 1.51 -15.65 0.18
C VAL A 101 0.06 -15.27 0.58
C VAL A 101 0.06 -15.25 0.48
N HIS A 102 -0.17 -13.94 0.66
CA HIS A 102 -1.48 -13.44 1.07
C HIS A 102 -2.33 -13.01 -0.11
N ARG A 103 -1.81 -13.07 -1.34
CA ARG A 103 -2.48 -12.52 -2.52
C ARG A 103 -2.71 -11.00 -2.37
N PHE A 104 -1.80 -10.32 -1.67
CA PHE A 104 -1.85 -8.87 -1.58
C PHE A 104 -1.18 -8.38 -2.85
N PRO A 105 -1.83 -7.48 -3.63
CA PRO A 105 -1.50 -7.37 -5.06
C PRO A 105 -0.28 -6.57 -5.48
N PHE A 106 0.78 -6.64 -4.72
CA PHE A 106 2.05 -6.02 -5.07
C PHE A 106 3.13 -7.06 -4.93
N VAL A 107 3.50 -7.67 -6.07
CA VAL A 107 4.49 -8.74 -6.08
C VAL A 107 5.40 -8.49 -7.25
N ALA A 108 6.69 -8.44 -7.03
CA ALA A 108 7.57 -7.99 -8.10
C ALA A 108 8.71 -8.96 -8.31
N VAL A 109 9.19 -9.03 -9.55
CA VAL A 109 10.47 -9.65 -9.84
C VAL A 109 11.46 -8.53 -10.14
N SER A 110 12.63 -8.56 -9.50
CA SER A 110 13.58 -7.48 -9.61
C SER A 110 14.91 -8.01 -10.12
N ILE A 111 15.44 -7.31 -11.14
CA ILE A 111 16.75 -7.67 -11.69
C ILE A 111 17.54 -6.41 -11.82
N GLY A 112 18.70 -6.35 -11.16
CA GLY A 112 19.64 -5.25 -11.33
C GLY A 112 20.90 -5.82 -11.97
N PHE A 113 21.53 -5.04 -12.84
CA PHE A 113 22.72 -5.53 -13.52
C PHE A 113 23.81 -4.49 -13.30
N ALA A 114 24.93 -4.95 -12.71
CA ALA A 114 26.02 -4.08 -12.32
C ALA A 114 27.29 -4.51 -13.06
N VAL A 115 28.08 -3.51 -13.43
CA VAL A 115 29.40 -3.72 -13.99
C VAL A 115 30.30 -2.76 -13.25
N ASN A 116 31.49 -3.24 -12.84
CA ASN A 116 32.38 -2.40 -12.07
C ASN A 116 31.66 -1.91 -10.82
N LYS A 117 30.75 -2.75 -10.29
CA LYS A 117 30.01 -2.50 -9.05
C LYS A 117 29.04 -1.32 -9.17
N LYS A 118 28.74 -0.87 -10.40
CA LYS A 118 27.77 0.18 -10.60
C LYS A 118 26.61 -0.40 -11.40
N ILE A 119 25.37 -0.06 -11.01
CA ILE A 119 24.23 -0.58 -11.76
C ILE A 119 24.14 0.10 -13.11
N GLU A 120 23.97 -0.73 -14.16
CA GLU A 120 23.87 -0.25 -15.53
C GLU A 120 22.43 -0.28 -15.99
N PHE A 121 21.67 -1.25 -15.48
CA PHE A 121 20.25 -1.19 -15.79
C PHE A 121 19.50 -1.92 -14.68
N GLY A 122 18.20 -1.69 -14.65
CA GLY A 122 17.32 -2.31 -13.65
C GLY A 122 16.00 -2.63 -14.30
N VAL A 123 15.38 -3.70 -13.82
CA VAL A 123 14.07 -4.12 -14.30
C VAL A 123 13.27 -4.56 -13.09
N VAL A 124 12.05 -4.04 -12.95
CA VAL A 124 11.19 -4.46 -11.85
C VAL A 124 9.84 -4.73 -12.47
N TYR A 125 9.41 -6.00 -12.40
CA TYR A 125 8.11 -6.34 -12.95
C TYR A 125 7.14 -6.58 -11.81
N SER A 126 6.14 -5.69 -11.71
CA SER A 126 5.08 -5.84 -10.72
C SER A 126 3.99 -6.67 -11.38
N CYS A 127 3.97 -7.96 -11.10
N CYS A 127 3.98 -7.96 -11.05
CA CYS A 127 3.27 -8.83 -12.02
CA CYS A 127 3.28 -8.99 -11.81
C CYS A 127 1.75 -8.88 -11.82
C CYS A 127 1.78 -8.79 -11.83
N VAL A 128 1.21 -8.59 -10.64
CA VAL A 128 -0.23 -8.63 -10.46
C VAL A 128 -0.82 -7.42 -11.16
N GLU A 129 -0.14 -6.29 -11.07
CA GLU A 129 -0.51 -5.05 -11.71
C GLU A 129 -0.20 -5.06 -13.20
N GLY A 130 0.73 -5.91 -13.66
CA GLY A 130 1.12 -5.87 -15.06
C GLY A 130 1.94 -4.62 -15.36
N LYS A 131 2.78 -4.17 -14.41
CA LYS A 131 3.57 -2.97 -14.63
C LYS A 131 5.04 -3.33 -14.73
N MET A 132 5.63 -3.12 -15.89
CA MET A 132 7.03 -3.37 -16.14
C MET A 132 7.82 -2.08 -16.05
N TYR A 133 8.61 -1.93 -14.95
CA TYR A 133 9.45 -0.76 -14.78
C TYR A 133 10.85 -1.08 -15.24
N THR A 134 11.46 -0.15 -15.98
CA THR A 134 12.77 -0.42 -16.51
C THR A 134 13.58 0.87 -16.56
N ALA A 135 14.90 0.73 -16.47
CA ALA A 135 15.76 1.89 -16.66
C ALA A 135 17.15 1.43 -17.04
N ARG A 136 17.77 2.19 -17.94
N ARG A 136 17.75 2.17 -17.96
CA ARG A 136 19.15 1.98 -18.33
CA ARG A 136 19.16 1.96 -18.23
C ARG A 136 19.91 3.28 -18.07
C ARG A 136 19.90 3.27 -18.05
N LYS A 137 21.12 3.17 -17.50
CA LYS A 137 21.95 4.32 -17.18
C LYS A 137 21.98 5.26 -18.38
N GLY A 138 21.62 6.53 -18.14
CA GLY A 138 21.67 7.59 -19.14
C GLY A 138 20.52 7.53 -20.14
N LYS A 139 19.55 6.61 -19.97
CA LYS A 139 18.54 6.44 -21.00
C LYS A 139 17.12 6.65 -20.48
N GLY A 140 16.96 7.00 -19.19
CA GLY A 140 15.62 7.23 -18.66
C GLY A 140 15.00 5.97 -18.01
N ALA A 141 13.89 6.24 -17.31
CA ALA A 141 13.12 5.21 -16.64
C ALA A 141 11.74 5.21 -17.23
N PHE A 142 11.16 4.02 -17.28
CA PHE A 142 9.88 3.81 -17.95
C PHE A 142 9.03 2.86 -17.14
N CYS A 143 7.72 3.03 -17.25
CA CYS A 143 6.80 1.99 -16.79
C CYS A 143 5.81 1.73 -17.92
N ASN A 144 5.83 0.51 -18.45
CA ASN A 144 4.93 0.18 -19.57
C ASN A 144 5.08 1.21 -20.70
N GLY A 145 6.34 1.64 -20.88
N GLY A 145 6.30 1.68 -21.01
CA GLY A 145 6.75 2.51 -21.96
CA GLY A 145 6.41 2.59 -22.14
C GLY A 145 6.56 4.00 -21.64
C GLY A 145 5.84 3.99 -21.84
N GLN A 146 5.83 4.33 -20.54
CA GLN A 146 5.61 5.72 -20.18
C GLN A 146 6.86 6.20 -19.45
N LYS A 147 7.46 7.30 -19.92
CA LYS A 147 8.69 7.77 -19.32
C LYS A 147 8.37 8.38 -17.95
N LEU A 148 9.17 8.01 -16.94
CA LEU A 148 8.88 8.42 -15.57
C LEU A 148 9.68 9.65 -15.17
N GLN A 149 9.04 10.39 -14.29
CA GLN A 149 9.67 11.56 -13.66
C GLN A 149 9.27 11.61 -12.19
N VAL A 150 10.29 11.75 -11.32
CA VAL A 150 9.98 11.97 -9.92
C VAL A 150 9.23 13.25 -9.71
N SER A 151 8.58 13.35 -8.55
CA SER A 151 7.85 14.57 -8.22
C SER A 151 8.80 15.74 -8.00
N GLN A 152 8.26 16.97 -7.95
N GLN A 152 8.20 16.95 -7.97
N GLN A 152 8.26 16.97 -7.96
CA GLN A 152 9.13 18.12 -7.75
CA GLN A 152 8.93 18.21 -7.82
CA GLN A 152 9.10 18.15 -7.77
C GLN A 152 9.24 18.54 -6.28
C GLN A 152 8.86 18.75 -6.41
C GLN A 152 9.28 18.47 -6.28
N GLN A 153 8.39 17.94 -5.44
CA GLN A 153 8.21 18.40 -4.07
C GLN A 153 9.52 18.57 -3.30
N GLU A 154 9.80 19.82 -2.81
CA GLU A 154 10.96 20.01 -1.98
C GLU A 154 10.61 20.33 -0.54
N ASP A 155 9.31 20.39 -0.24
CA ASP A 155 8.84 20.65 1.11
C ASP A 155 8.42 19.37 1.81
N ILE A 156 9.21 18.97 2.79
CA ILE A 156 8.97 17.75 3.51
C ILE A 156 7.54 17.69 4.06
N THR A 157 6.97 18.85 4.45
CA THR A 157 5.69 18.85 5.13
C THR A 157 4.57 18.64 4.11
N LYS A 158 4.92 18.55 2.81
CA LYS A 158 3.88 18.25 1.82
C LYS A 158 4.21 16.93 1.15
N SER A 159 5.03 16.12 1.80
CA SER A 159 5.58 14.91 1.16
C SER A 159 4.74 13.70 1.56
N LEU A 160 4.78 12.70 0.65
CA LEU A 160 4.20 11.40 0.95
C LEU A 160 5.33 10.38 0.87
N LEU A 161 5.55 9.66 1.98
CA LEU A 161 6.70 8.76 2.07
C LEU A 161 6.20 7.33 1.98
N VAL A 162 7.09 6.43 1.52
CA VAL A 162 6.86 4.99 1.58
C VAL A 162 7.99 4.38 2.41
N THR A 163 7.61 3.37 3.17
CA THR A 163 8.61 2.63 3.91
C THR A 163 8.01 1.30 4.27
N GLU A 164 8.80 0.47 4.98
CA GLU A 164 8.27 -0.80 5.44
C GLU A 164 8.80 -1.03 6.85
N LEU A 165 8.04 -1.80 7.63
CA LEU A 165 8.39 -1.91 9.04
C LEU A 165 9.56 -2.86 9.20
N GLY A 166 9.81 -3.71 8.19
CA GLY A 166 11.03 -4.51 8.18
C GLY A 166 10.78 -5.93 8.67
N SER A 167 11.85 -6.72 8.67
N SER A 167 11.84 -6.75 8.65
CA SER A 167 11.69 -8.16 8.89
CA SER A 167 11.64 -8.17 8.89
C SER A 167 11.91 -8.53 10.36
C SER A 167 11.93 -8.54 10.36
N SER A 168 12.54 -7.62 11.11
CA SER A 168 12.88 -7.90 12.50
C SER A 168 11.64 -7.75 13.35
N ARG A 169 11.52 -8.60 14.37
CA ARG A 169 10.48 -8.40 15.36
C ARG A 169 11.10 -8.20 16.75
N THR A 170 12.42 -7.96 16.77
CA THR A 170 13.11 -7.68 18.02
C THR A 170 12.53 -6.39 18.57
N PRO A 171 11.89 -6.42 19.77
CA PRO A 171 11.21 -5.26 20.31
C PRO A 171 11.99 -3.95 20.21
N GLU A 172 13.31 -3.98 20.52
CA GLU A 172 14.13 -2.78 20.48
C GLU A 172 14.23 -2.26 19.04
N THR A 173 14.42 -3.20 18.11
CA THR A 173 14.52 -2.82 16.71
C THR A 173 13.17 -2.27 16.22
N VAL A 174 12.10 -2.98 16.55
CA VAL A 174 10.76 -2.54 16.14
C VAL A 174 10.51 -1.15 16.69
N ARG A 175 10.83 -0.97 17.99
N ARG A 175 10.85 -0.94 17.97
CA ARG A 175 10.60 0.33 18.58
CA ARG A 175 10.61 0.37 18.54
C ARG A 175 11.41 1.41 17.86
C ARG A 175 11.44 1.44 17.84
N MET A 176 12.62 1.07 17.41
N MET A 176 12.65 1.08 17.40
CA MET A 176 13.44 2.07 16.76
CA MET A 176 13.50 2.05 16.74
C MET A 176 12.83 2.40 15.37
C MET A 176 12.90 2.39 15.35
N VAL A 177 12.45 1.37 14.62
CA VAL A 177 11.78 1.59 13.31
C VAL A 177 10.57 2.51 13.53
N LEU A 178 9.77 2.23 14.56
CA LEU A 178 8.55 2.99 14.76
C LEU A 178 8.81 4.39 15.27
N SER A 179 9.88 4.54 16.10
CA SER A 179 10.31 5.87 16.50
C SER A 179 10.76 6.73 15.33
N ASN A 180 11.45 6.10 14.36
CA ASN A 180 11.89 6.83 13.18
C ASN A 180 10.67 7.27 12.36
N MET A 181 9.69 6.39 12.28
CA MET A 181 8.43 6.71 11.59
C MET A 181 7.69 7.84 12.32
N GLU A 182 7.67 7.81 13.65
CA GLU A 182 7.05 8.86 14.45
C GLU A 182 7.68 10.23 14.16
N LYS A 183 9.02 10.29 14.15
CA LYS A 183 9.69 11.56 13.93
C LYS A 183 9.35 12.10 12.55
N LEU A 184 9.39 11.24 11.54
CA LEU A 184 9.08 11.73 10.21
C LEU A 184 7.62 12.14 10.15
N PHE A 185 6.75 11.33 10.76
CA PHE A 185 5.33 11.55 10.58
C PHE A 185 4.94 12.86 11.22
N CYS A 186 5.61 13.18 12.34
CA CYS A 186 5.26 14.36 13.09
C CYS A 186 6.00 15.62 12.65
N ILE A 187 6.77 15.57 11.58
CA ILE A 187 7.40 16.76 11.00
C ILE A 187 6.41 17.93 10.79
N PRO A 188 5.20 17.77 10.23
CA PRO A 188 4.67 16.48 9.75
C PRO A 188 4.98 16.24 8.29
N VAL A 189 4.60 15.02 7.85
CA VAL A 189 4.50 14.80 6.40
C VAL A 189 3.02 14.53 6.10
N HIS A 190 2.70 14.50 4.79
CA HIS A 190 1.31 14.26 4.41
C HIS A 190 0.90 12.83 4.73
N GLY A 191 1.84 11.88 4.64
CA GLY A 191 1.43 10.53 4.97
C GLY A 191 2.60 9.58 4.76
N ILE A 192 2.40 8.34 5.24
CA ILE A 192 3.35 7.28 4.97
C ILE A 192 2.49 6.13 4.45
N ARG A 193 3.06 5.44 3.46
CA ARG A 193 2.39 4.27 2.90
C ARG A 193 3.35 3.10 2.87
N SER A 194 2.78 1.90 2.80
CA SER A 194 3.56 0.66 2.72
C SER A 194 2.79 -0.32 1.84
N VAL A 195 3.35 -0.63 0.65
CA VAL A 195 2.68 -1.65 -0.18
C VAL A 195 3.35 -3.02 0.00
N GLY A 196 4.43 -3.10 0.75
CA GLY A 196 4.89 -4.44 1.11
C GLY A 196 6.05 -4.96 0.26
N THR A 197 6.70 -4.10 -0.49
CA THR A 197 7.82 -4.49 -1.30
C THR A 197 8.71 -3.29 -1.52
N ALA A 198 10.02 -3.47 -1.32
CA ALA A 198 10.97 -2.37 -1.49
C ALA A 198 11.05 -1.91 -2.94
N ALA A 199 11.11 -2.90 -3.84
CA ALA A 199 11.28 -2.54 -5.25
C ALA A 199 10.06 -1.76 -5.74
N VAL A 200 8.86 -2.16 -5.35
CA VAL A 200 7.71 -1.43 -5.86
C VAL A 200 7.60 -0.08 -5.16
N ASN A 201 7.87 -0.04 -3.84
CA ASN A 201 7.83 1.27 -3.20
C ASN A 201 8.78 2.24 -3.91
N MET A 202 9.97 1.77 -4.30
CA MET A 202 10.94 2.63 -4.97
C MET A 202 10.42 3.00 -6.35
N CYS A 203 9.78 2.03 -7.02
CA CYS A 203 9.21 2.38 -8.31
C CYS A 203 8.12 3.43 -8.19
N LEU A 204 7.36 3.39 -7.08
CA LEU A 204 6.37 4.44 -6.87
C LEU A 204 7.04 5.80 -6.72
N VAL A 205 8.22 5.86 -6.11
CA VAL A 205 8.90 7.15 -6.06
C VAL A 205 9.31 7.55 -7.48
N ALA A 206 9.81 6.56 -8.25
CA ALA A 206 10.22 6.88 -9.63
C ALA A 206 9.05 7.51 -10.40
N THR A 207 7.81 7.09 -10.16
CA THR A 207 6.66 7.58 -10.93
C THR A 207 6.21 8.97 -10.47
N GLY A 208 6.66 9.36 -9.28
CA GLY A 208 6.20 10.58 -8.67
C GLY A 208 4.98 10.41 -7.77
N GLY A 209 4.42 9.19 -7.70
CA GLY A 209 3.25 8.96 -6.86
C GLY A 209 3.57 8.94 -5.36
N ALA A 210 4.85 8.72 -5.03
CA ALA A 210 5.33 9.05 -3.70
C ALA A 210 6.55 9.94 -3.87
N ASP A 211 6.92 10.65 -2.80
CA ASP A 211 8.05 11.55 -2.89
C ASP A 211 9.37 10.92 -2.46
N ALA A 212 9.34 9.94 -1.52
CA ALA A 212 10.57 9.28 -1.11
C ALA A 212 10.25 8.01 -0.39
N TYR A 213 11.23 7.12 -0.44
CA TYR A 213 11.22 5.86 0.24
C TYR A 213 12.45 5.84 1.13
N TYR A 214 12.27 5.20 2.30
CA TYR A 214 13.49 4.92 3.10
C TYR A 214 13.27 3.56 3.73
N GLU A 215 14.38 2.84 4.02
CA GLU A 215 14.25 1.64 4.80
C GLU A 215 15.66 1.21 5.21
N MET A 216 15.67 0.61 6.41
CA MET A 216 16.88 -0.09 6.86
C MET A 216 16.57 -1.55 7.04
N GLY A 217 17.50 -2.39 6.52
CA GLY A 217 17.34 -3.82 6.61
C GLY A 217 17.10 -4.49 5.26
N ILE A 218 16.96 -3.66 4.20
CA ILE A 218 16.90 -4.26 2.87
C ILE A 218 18.27 -4.85 2.52
N HIS A 219 18.32 -5.55 1.38
CA HIS A 219 19.53 -6.18 0.87
C HIS A 219 19.76 -5.66 -0.55
N CYS A 220 20.93 -5.98 -1.11
CA CYS A 220 21.22 -5.47 -2.43
C CYS A 220 20.15 -5.87 -3.45
N TRP A 221 19.59 -7.08 -3.32
CA TRP A 221 18.66 -7.56 -4.34
C TRP A 221 17.34 -6.81 -4.24
N ASP A 222 17.02 -6.24 -3.06
CA ASP A 222 15.80 -5.44 -2.94
C ASP A 222 15.87 -4.15 -3.73
N VAL A 223 17.06 -3.58 -3.85
CA VAL A 223 17.22 -2.20 -4.31
C VAL A 223 17.96 -2.11 -5.65
N ALA A 224 18.53 -3.22 -6.12
CA ALA A 224 19.46 -3.15 -7.25
C ALA A 224 18.69 -2.80 -8.54
N GLY A 225 17.51 -3.38 -8.71
CA GLY A 225 16.72 -3.07 -9.92
C GLY A 225 16.11 -1.67 -9.81
N ALA A 226 15.54 -1.35 -8.64
CA ALA A 226 14.75 -0.15 -8.57
C ALA A 226 15.54 1.14 -8.43
N GLY A 227 16.75 1.03 -7.86
CA GLY A 227 17.47 2.26 -7.56
C GLY A 227 17.74 3.08 -8.83
N ILE A 228 18.16 2.40 -9.91
CA ILE A 228 18.42 3.08 -11.19
C ILE A 228 17.13 3.57 -11.83
N ILE A 229 16.03 2.89 -11.56
CA ILE A 229 14.75 3.40 -12.05
C ILE A 229 14.48 4.73 -11.36
N VAL A 230 14.73 4.84 -10.01
CA VAL A 230 14.54 6.12 -9.36
C VAL A 230 15.50 7.17 -9.93
N THR A 231 16.78 6.85 -10.08
CA THR A 231 17.69 7.91 -10.50
C THR A 231 17.48 8.32 -11.97
N GLU A 232 17.14 7.36 -12.84
CA GLU A 232 16.84 7.70 -14.23
C GLU A 232 15.52 8.49 -14.34
N ALA A 233 14.63 8.41 -13.33
CA ALA A 233 13.45 9.23 -13.31
C ALA A 233 13.75 10.63 -12.73
N GLY A 234 15.02 10.87 -12.34
CA GLY A 234 15.46 12.17 -11.85
C GLY A 234 15.68 12.21 -10.34
N GLY A 235 15.53 11.07 -9.68
CA GLY A 235 15.65 11.05 -8.22
C GLY A 235 17.07 10.83 -7.74
N VAL A 236 17.19 10.60 -6.44
CA VAL A 236 18.50 10.37 -5.85
C VAL A 236 18.46 9.17 -4.92
N LEU A 237 19.61 8.53 -4.74
CA LEU A 237 19.77 7.51 -3.73
C LEU A 237 20.85 7.98 -2.76
N MET A 238 20.62 7.63 -1.51
CA MET A 238 21.66 7.86 -0.50
C MET A 238 21.42 6.89 0.63
N ASP A 239 22.42 6.78 1.54
CA ASP A 239 22.24 6.01 2.73
C ASP A 239 21.36 6.84 3.69
N VAL A 240 20.74 6.16 4.64
CA VAL A 240 19.93 6.88 5.63
C VAL A 240 20.85 7.70 6.54
N THR A 241 22.13 7.31 6.57
CA THR A 241 23.16 8.04 7.34
C THR A 241 23.44 9.37 6.66
N GLY A 242 22.83 9.61 5.48
CA GLY A 242 23.12 10.66 4.52
C GLY A 242 24.40 10.45 3.69
N GLY A 243 25.10 9.34 3.90
CA GLY A 243 26.30 8.96 3.18
C GLY A 243 25.97 8.49 1.76
N PRO A 244 26.99 8.22 0.93
CA PRO A 244 26.70 7.78 -0.43
C PRO A 244 25.90 6.48 -0.37
N PHE A 245 25.05 6.31 -1.41
CA PHE A 245 24.32 5.07 -1.46
C PHE A 245 25.30 3.92 -1.66
N ASP A 246 25.00 2.82 -0.98
CA ASP A 246 25.85 1.64 -1.00
C ASP A 246 24.96 0.42 -1.06
N LEU A 247 25.03 -0.24 -2.22
N LEU A 247 25.01 -0.31 -2.19
CA LEU A 247 24.22 -1.41 -2.53
CA LEU A 247 24.16 -1.47 -2.44
C LEU A 247 24.30 -2.45 -1.42
C LEU A 247 24.28 -2.49 -1.33
N MET A 248 25.42 -2.50 -0.67
N MET A 248 25.42 -2.50 -0.61
CA MET A 248 25.59 -3.58 0.28
CA MET A 248 25.71 -3.56 0.34
C MET A 248 25.39 -3.14 1.74
C MET A 248 25.34 -3.17 1.77
N SER A 249 24.93 -1.91 1.95
CA SER A 249 24.89 -1.30 3.29
C SER A 249 23.62 -1.62 4.09
N ARG A 250 22.59 -2.19 3.43
CA ARG A 250 21.33 -2.58 4.04
C ARG A 250 20.43 -1.37 4.29
N ARG A 251 20.84 -0.20 3.82
CA ARG A 251 20.09 1.01 4.14
C ARG A 251 19.89 1.82 2.88
N VAL A 252 18.71 2.49 2.79
CA VAL A 252 18.56 3.35 1.62
C VAL A 252 17.55 4.47 1.90
N ILE A 253 17.81 5.59 1.27
CA ILE A 253 16.78 6.59 1.01
C ILE A 253 16.77 6.78 -0.50
N ALA A 254 15.56 6.56 -1.12
CA ALA A 254 15.38 6.78 -2.55
C ALA A 254 14.34 7.89 -2.69
N ALA A 255 14.81 9.06 -3.11
CA ALA A 255 13.95 10.24 -3.05
C ALA A 255 13.88 10.97 -4.39
N ASN A 256 12.83 11.78 -4.53
CA ASN A 256 12.73 12.64 -5.70
C ASN A 256 13.90 13.62 -5.80
N ASN A 257 14.41 14.06 -4.65
CA ASN A 257 15.53 15.00 -4.70
C ASN A 257 16.27 15.01 -3.38
N ARG A 258 17.46 15.66 -3.44
CA ARG A 258 18.38 15.67 -2.29
C ARG A 258 17.83 16.42 -1.08
N ILE A 259 16.99 17.42 -1.30
CA ILE A 259 16.43 18.18 -0.20
C ILE A 259 15.58 17.28 0.67
N LEU A 260 14.61 16.55 0.05
N LEU A 260 14.62 16.56 0.05
CA LEU A 260 13.84 15.66 0.89
CA LEU A 260 13.84 15.66 0.88
C LEU A 260 14.70 14.56 1.49
C LEU A 260 14.70 14.55 1.49
N ALA A 261 15.63 13.98 0.70
CA ALA A 261 16.46 12.87 1.15
C ALA A 261 17.26 13.29 2.40
N GLU A 262 17.90 14.46 2.29
CA GLU A 262 18.66 14.93 3.45
C GLU A 262 17.77 15.24 4.66
N ARG A 263 16.55 15.78 4.41
CA ARG A 263 15.62 16.09 5.49
C ARG A 263 15.20 14.79 6.21
N ILE A 264 14.97 13.72 5.44
CA ILE A 264 14.65 12.44 6.04
C ILE A 264 15.84 11.90 6.86
N ALA A 265 17.04 11.99 6.27
CA ALA A 265 18.21 11.41 6.89
C ALA A 265 18.41 12.03 8.27
N LYS A 266 18.09 13.32 8.38
CA LYS A 266 18.20 14.05 9.63
C LYS A 266 17.36 13.42 10.74
N GLU A 267 16.25 12.77 10.39
CA GLU A 267 15.43 12.08 11.40
C GLU A 267 15.72 10.61 11.63
N ILE A 268 16.62 9.96 10.89
CA ILE A 268 16.64 8.52 11.06
C ILE A 268 17.70 8.13 12.08
N GLN A 269 17.29 7.56 13.21
N GLN A 269 17.27 7.50 13.17
CA GLN A 269 18.26 6.87 14.00
CA GLN A 269 18.17 6.76 14.04
C GLN A 269 18.64 5.60 13.25
C GLN A 269 18.64 5.50 13.32
N VAL A 270 19.92 5.44 12.96
CA VAL A 270 20.41 4.28 12.25
C VAL A 270 20.40 3.07 13.17
N ILE A 271 19.96 1.94 12.63
CA ILE A 271 20.00 0.66 13.30
C ILE A 271 21.26 -0.01 12.78
N PRO A 272 22.08 -0.63 13.65
CA PRO A 272 23.30 -1.33 13.21
C PRO A 272 22.91 -2.54 12.39
N LEU A 273 23.57 -2.71 11.23
N LEU A 273 23.55 -2.66 11.22
CA LEU A 273 23.22 -3.81 10.35
CA LEU A 273 23.21 -3.72 10.31
C LEU A 273 24.46 -4.47 9.76
C LEU A 273 24.45 -4.37 9.72
N GLN A 274 24.34 -5.77 9.56
N GLN A 274 24.30 -5.66 9.44
CA GLN A 274 25.40 -6.55 8.93
CA GLN A 274 25.28 -6.56 8.90
C GLN A 274 25.31 -6.37 7.42
C GLN A 274 25.31 -6.41 7.38
N ARG A 275 26.41 -5.91 6.82
CA ARG A 275 26.48 -5.66 5.40
C ARG A 275 26.29 -6.95 4.63
N ASP A 276 25.79 -6.84 3.39
CA ASP A 276 25.69 -8.02 2.54
C ASP A 276 27.07 -8.47 2.06
N ASP A 277 28.07 -7.58 2.10
CA ASP A 277 29.41 -7.91 1.60
C ASP A 277 30.34 -8.36 2.73
N GLU A 278 29.77 -8.80 3.88
CA GLU A 278 30.59 -9.11 5.05
C GLU A 278 30.06 -10.37 5.73
N ASP A 279 30.95 -11.06 6.48
CA ASP A 279 30.59 -12.20 7.32
C ASP A 279 30.17 -11.71 8.72
N ASP B 5 -37.04 -6.30 -4.39
N ASP B 5 -37.25 -6.18 -4.59
CA ASP B 5 -36.11 -5.57 -3.47
CA ASP B 5 -36.36 -5.61 -3.54
C ASP B 5 -36.39 -4.07 -3.57
C ASP B 5 -36.44 -4.08 -3.59
N PRO B 6 -36.82 -3.42 -2.47
CA PRO B 6 -37.19 -2.00 -2.49
C PRO B 6 -35.97 -1.11 -2.63
N TRP B 7 -34.84 -1.60 -2.11
CA TRP B 7 -33.59 -0.86 -2.03
C TRP B 7 -32.69 -1.17 -3.21
N GLN B 8 -33.09 -2.14 -4.05
CA GLN B 8 -32.26 -2.61 -5.16
C GLN B 8 -32.12 -1.53 -6.22
N GLU B 9 -33.23 -0.83 -6.51
CA GLU B 9 -33.20 0.29 -7.43
C GLU B 9 -32.21 1.34 -6.93
N CYS B 10 -32.22 1.60 -5.62
CA CYS B 10 -31.30 2.59 -5.05
C CYS B 10 -29.87 2.15 -5.32
N MET B 11 -29.60 0.86 -5.12
CA MET B 11 -28.25 0.35 -5.27
C MET B 11 -27.78 0.42 -6.72
N ASP B 12 -28.68 0.09 -7.65
CA ASP B 12 -28.26 0.10 -9.04
C ASP B 12 -27.88 1.52 -9.46
N TYR B 13 -28.63 2.48 -8.91
CA TYR B 13 -28.40 3.89 -9.18
C TYR B 13 -27.07 4.29 -8.55
N ALA B 14 -26.86 3.84 -7.31
CA ALA B 14 -25.60 4.13 -6.62
C ALA B 14 -24.41 3.67 -7.45
N VAL B 15 -24.49 2.50 -8.08
CA VAL B 15 -23.38 1.99 -8.87
C VAL B 15 -23.11 2.94 -10.03
N THR B 16 -24.21 3.36 -10.66
CA THR B 16 -24.13 4.32 -11.74
C THR B 16 -23.38 5.58 -11.31
N LEU B 17 -23.80 6.15 -10.17
CA LEU B 17 -23.26 7.43 -9.73
C LEU B 17 -21.80 7.23 -9.31
N ALA B 18 -21.50 6.07 -8.72
CA ALA B 18 -20.11 5.86 -8.31
C ALA B 18 -19.19 5.80 -9.52
N ARG B 19 -19.62 5.13 -10.60
N ARG B 19 -19.65 5.15 -10.59
CA ARG B 19 -18.78 5.02 -11.78
CA ARG B 19 -18.82 5.05 -11.78
C ARG B 19 -18.59 6.40 -12.42
C ARG B 19 -18.63 6.42 -12.42
N GLN B 20 -19.67 7.19 -12.45
N GLN B 20 -19.72 7.20 -12.48
CA GLN B 20 -19.62 8.56 -12.96
CA GLN B 20 -19.65 8.58 -12.96
C GLN B 20 -18.68 9.41 -12.11
C GLN B 20 -18.62 9.34 -12.12
N ALA B 21 -18.77 9.25 -10.79
CA ALA B 21 -17.91 9.99 -9.87
C ALA B 21 -16.47 9.58 -10.12
N GLY B 22 -16.24 8.26 -10.30
CA GLY B 22 -14.91 7.75 -10.52
C GLY B 22 -14.28 8.29 -11.80
N GLU B 23 -15.14 8.43 -12.82
N GLU B 23 -15.13 8.46 -12.81
CA GLU B 23 -14.71 9.00 -14.08
CA GLU B 23 -14.62 8.99 -14.07
C GLU B 23 -14.17 10.40 -13.85
C GLU B 23 -14.16 10.43 -13.86
N VAL B 24 -14.94 11.21 -13.09
CA VAL B 24 -14.53 12.55 -12.72
C VAL B 24 -13.16 12.54 -12.00
N VAL B 25 -13.05 11.64 -11.00
CA VAL B 25 -11.83 11.64 -10.22
C VAL B 25 -10.64 11.25 -11.09
N CYS B 26 -10.74 10.15 -11.87
N CYS B 26 -10.83 10.20 -11.90
CA CYS B 26 -9.55 9.67 -12.58
CA CYS B 26 -9.71 9.59 -12.60
C CYS B 26 -9.19 10.69 -13.69
C CYS B 26 -9.24 10.50 -13.75
N GLU B 27 -10.16 11.47 -14.16
N GLU B 27 -10.12 11.38 -14.24
CA GLU B 27 -9.89 12.51 -15.16
CA GLU B 27 -9.71 12.45 -15.14
C GLU B 27 -9.19 13.72 -14.54
C GLU B 27 -8.88 13.47 -14.37
N ALA B 28 -9.42 13.94 -13.25
CA ALA B 28 -8.82 15.06 -12.55
C ALA B 28 -7.45 14.68 -12.00
N ILE B 29 -7.20 13.41 -11.71
CA ILE B 29 -5.96 13.04 -11.00
C ILE B 29 -4.74 13.32 -11.84
N LYS B 30 -4.95 13.43 -13.16
N LYS B 30 -4.94 13.42 -13.15
CA LYS B 30 -3.90 13.60 -14.13
CA LYS B 30 -3.88 13.61 -14.11
C LYS B 30 -3.63 15.09 -14.37
C LYS B 30 -3.50 15.10 -14.18
N ASN B 31 -4.41 15.97 -13.71
CA ASN B 31 -4.30 17.40 -13.99
C ASN B 31 -3.77 18.14 -12.77
N GLU B 32 -3.43 19.42 -12.97
N GLU B 32 -3.48 19.43 -12.98
CA GLU B 32 -3.03 20.28 -11.87
CA GLU B 32 -3.17 20.41 -11.95
C GLU B 32 -4.20 20.39 -10.90
C GLU B 32 -4.28 20.40 -10.90
N MET B 33 -3.85 20.54 -9.64
CA MET B 33 -4.86 20.56 -8.60
C MET B 33 -4.65 21.74 -7.68
N ASN B 34 -5.78 22.22 -7.20
CA ASN B 34 -5.78 23.15 -6.09
C ASN B 34 -5.98 22.37 -4.78
N VAL B 35 -4.92 22.29 -4.01
CA VAL B 35 -5.00 21.52 -2.78
C VAL B 35 -5.30 22.48 -1.63
N MET B 36 -6.38 22.21 -0.94
N MET B 36 -6.42 22.25 -0.97
CA MET B 36 -6.81 23.07 0.15
CA MET B 36 -6.84 23.09 0.14
C MET B 36 -6.77 22.30 1.47
C MET B 36 -6.65 22.33 1.45
N LEU B 37 -6.81 23.05 2.56
CA LEU B 37 -6.73 22.48 3.90
C LEU B 37 -8.08 22.54 4.56
N LYS B 38 -8.38 21.49 5.33
CA LYS B 38 -9.55 21.47 6.20
C LYS B 38 -9.11 21.74 7.64
N SER B 39 -9.07 20.70 8.49
CA SER B 39 -8.88 20.84 9.92
C SER B 39 -7.43 21.11 10.30
N SER B 40 -6.49 20.92 9.36
CA SER B 40 -5.07 20.97 9.66
C SER B 40 -4.28 20.95 8.36
N PRO B 41 -2.97 21.24 8.39
CA PRO B 41 -2.14 21.12 7.20
C PRO B 41 -2.05 19.74 6.56
N VAL B 42 -2.48 18.69 7.25
CA VAL B 42 -2.42 17.39 6.58
C VAL B 42 -3.80 16.86 6.26
N ASP B 43 -4.84 17.65 6.53
CA ASP B 43 -6.20 17.19 6.26
C ASP B 43 -6.65 17.90 5.00
N LEU B 44 -6.56 17.22 3.87
CA LEU B 44 -6.62 17.87 2.56
C LEU B 44 -8.00 17.75 1.91
N VAL B 45 -8.27 18.71 1.02
CA VAL B 45 -9.44 18.61 0.17
C VAL B 45 -9.12 19.29 -1.13
N THR B 46 -9.69 18.82 -2.21
CA THR B 46 -9.55 19.45 -3.50
C THR B 46 -10.93 19.80 -4.04
N ALA B 47 -10.92 20.64 -5.10
CA ALA B 47 -12.20 20.95 -5.70
C ALA B 47 -12.88 19.71 -6.24
N THR B 48 -12.11 18.66 -6.59
CA THR B 48 -12.73 17.45 -7.07
C THR B 48 -13.55 16.78 -5.96
N ASP B 49 -13.00 16.73 -4.73
CA ASP B 49 -13.79 16.10 -3.67
C ASP B 49 -15.15 16.80 -3.57
N GLN B 50 -15.10 18.14 -3.63
CA GLN B 50 -16.32 18.93 -3.40
C GLN B 50 -17.28 18.80 -4.57
N LYS B 51 -16.75 18.79 -5.79
N LYS B 51 -16.75 18.79 -5.79
CA LYS B 51 -17.54 18.69 -7.00
CA LYS B 51 -17.54 18.69 -7.00
C LYS B 51 -18.22 17.33 -7.07
C LYS B 51 -18.22 17.32 -7.08
N VAL B 52 -17.45 16.27 -6.77
CA VAL B 52 -18.02 14.94 -6.82
C VAL B 52 -19.14 14.83 -5.79
N GLU B 53 -18.91 15.37 -4.59
CA GLU B 53 -19.90 15.20 -3.56
C GLU B 53 -21.18 15.94 -3.96
N LYS B 54 -21.01 17.17 -4.45
N LYS B 54 -21.02 17.17 -4.47
N LYS B 54 -21.02 17.16 -4.48
CA LYS B 54 -22.18 17.93 -4.88
CA LYS B 54 -22.17 17.95 -4.89
CA LYS B 54 -22.13 17.99 -4.93
C LYS B 54 -22.96 17.19 -5.98
C LYS B 54 -22.95 17.21 -5.97
C LYS B 54 -22.94 17.26 -6.00
N MET B 55 -22.23 16.61 -6.92
CA MET B 55 -22.83 15.86 -8.00
C MET B 55 -23.64 14.67 -7.45
N LEU B 56 -23.05 13.90 -6.51
CA LEU B 56 -23.74 12.73 -6.02
C LEU B 56 -24.99 13.16 -5.26
N ILE B 57 -24.85 14.17 -4.40
CA ILE B 57 -25.94 14.54 -3.51
C ILE B 57 -27.09 15.11 -4.35
N SER B 58 -26.75 15.96 -5.30
CA SER B 58 -27.79 16.54 -6.14
C SER B 58 -28.47 15.46 -7.01
N SER B 59 -27.73 14.46 -7.49
CA SER B 59 -28.26 13.35 -8.28
C SER B 59 -29.21 12.47 -7.46
N ILE B 60 -28.77 12.11 -6.24
CA ILE B 60 -29.60 11.34 -5.33
C ILE B 60 -30.85 12.15 -4.95
N LYS B 61 -30.67 13.44 -4.58
CA LYS B 61 -31.79 14.26 -4.12
C LYS B 61 -32.88 14.32 -5.20
N GLU B 62 -32.46 14.23 -6.47
CA GLU B 62 -33.37 14.27 -7.60
C GLU B 62 -34.22 13.01 -7.67
N LYS B 63 -33.63 11.82 -7.47
CA LYS B 63 -34.35 10.57 -7.58
C LYS B 63 -35.05 10.19 -6.28
N TYR B 64 -34.48 10.57 -5.14
CA TYR B 64 -34.95 10.12 -3.85
C TYR B 64 -35.07 11.33 -2.94
N PRO B 65 -36.00 12.25 -3.23
CA PRO B 65 -36.04 13.52 -2.52
C PRO B 65 -36.22 13.43 -1.01
N SER B 66 -36.76 12.30 -0.55
CA SER B 66 -37.07 12.15 0.85
C SER B 66 -35.89 11.54 1.61
N HIS B 67 -34.84 11.11 0.89
CA HIS B 67 -33.69 10.47 1.50
C HIS B 67 -32.78 11.52 2.16
N SER B 68 -32.00 11.08 3.17
CA SER B 68 -31.05 11.85 3.94
C SER B 68 -29.63 11.58 3.41
N PHE B 69 -28.70 12.47 3.79
CA PHE B 69 -27.30 12.37 3.36
C PHE B 69 -26.37 12.60 4.54
N ILE B 70 -25.23 11.90 4.53
CA ILE B 70 -24.11 12.29 5.35
C ILE B 70 -22.94 12.20 4.38
N GLY B 71 -22.40 13.34 4.00
CA GLY B 71 -21.28 13.41 3.08
C GLY B 71 -20.12 14.11 3.76
N GLU B 72 -18.90 13.61 3.52
CA GLU B 72 -17.75 14.16 4.19
C GLU B 72 -17.68 15.68 4.00
N GLU B 73 -17.77 16.14 2.75
CA GLU B 73 -17.48 17.55 2.55
C GLU B 73 -18.71 18.37 2.95
N SER B 74 -19.90 17.76 2.87
CA SER B 74 -21.08 18.46 3.42
C SER B 74 -20.95 18.70 4.92
N VAL B 75 -20.42 17.71 5.64
CA VAL B 75 -20.16 17.85 7.06
C VAL B 75 -19.12 18.94 7.26
N ALA B 76 -18.07 18.97 6.40
CA ALA B 76 -17.03 19.99 6.50
C ALA B 76 -17.70 21.36 6.36
N ALA B 77 -18.74 21.44 5.54
CA ALA B 77 -19.47 22.68 5.25
C ALA B 77 -20.53 23.00 6.30
N GLY B 78 -20.76 22.11 7.28
CA GLY B 78 -21.65 22.41 8.40
C GLY B 78 -22.83 21.44 8.59
N GLU B 79 -23.12 20.54 7.64
CA GLU B 79 -24.20 19.59 7.87
C GLU B 79 -23.91 18.60 9.01
N LYS B 80 -24.97 17.95 9.49
CA LYS B 80 -24.91 17.05 10.64
C LYS B 80 -24.45 15.66 10.22
N SER B 81 -23.68 15.01 11.10
CA SER B 81 -23.03 13.73 10.84
C SER B 81 -23.84 12.56 11.42
N ILE B 82 -24.90 12.88 12.21
CA ILE B 82 -25.66 11.85 12.91
C ILE B 82 -26.61 11.05 11.98
N LEU B 83 -26.61 9.72 12.17
CA LEU B 83 -27.40 8.81 11.35
C LEU B 83 -28.76 8.63 12.01
N THR B 84 -29.82 8.98 11.28
CA THR B 84 -31.18 8.72 11.71
C THR B 84 -31.68 7.44 11.06
N ASP B 85 -32.95 7.06 11.33
CA ASP B 85 -33.49 5.84 10.78
C ASP B 85 -33.89 6.03 9.32
N ASN B 86 -33.99 7.29 8.88
CA ASN B 86 -34.44 7.57 7.52
C ASN B 86 -33.42 6.99 6.53
N PRO B 87 -33.80 6.57 5.31
CA PRO B 87 -32.82 6.07 4.34
C PRO B 87 -31.76 7.13 4.11
N THR B 88 -30.49 6.70 4.24
CA THR B 88 -29.42 7.69 4.30
C THR B 88 -28.28 7.22 3.38
N TRP B 89 -27.89 8.12 2.46
CA TRP B 89 -26.69 7.93 1.67
C TRP B 89 -25.51 8.54 2.41
N ILE B 90 -24.48 7.70 2.63
CA ILE B 90 -23.31 8.09 3.39
C ILE B 90 -22.13 8.02 2.39
N ILE B 91 -21.59 9.22 2.10
CA ILE B 91 -20.76 9.39 0.92
C ILE B 91 -19.38 9.90 1.35
N ASP B 92 -18.32 9.24 0.83
CA ASP B 92 -17.00 9.78 0.83
C ASP B 92 -16.62 9.99 -0.63
N PRO B 93 -16.60 11.23 -1.13
CA PRO B 93 -16.48 11.44 -2.57
C PRO B 93 -15.12 11.03 -3.09
N ILE B 94 -14.08 11.28 -2.29
CA ILE B 94 -12.76 10.75 -2.56
C ILE B 94 -12.22 10.24 -1.24
N ASP B 95 -12.16 8.92 -1.12
CA ASP B 95 -11.44 8.40 0.04
C ASP B 95 -10.06 8.10 -0.53
N GLY B 96 -9.06 8.73 0.10
CA GLY B 96 -7.74 8.78 -0.45
C GLY B 96 -7.42 10.11 -1.11
N THR B 97 -7.88 11.21 -0.50
CA THR B 97 -7.53 12.53 -1.07
C THR B 97 -6.03 12.79 -1.04
N THR B 98 -5.35 12.42 0.06
CA THR B 98 -3.91 12.64 0.06
C THR B 98 -3.27 11.86 -1.07
N ASN B 99 -3.72 10.59 -1.28
CA ASN B 99 -3.21 9.84 -2.40
C ASN B 99 -3.52 10.53 -3.71
N PHE B 100 -4.75 11.02 -3.85
CA PHE B 100 -5.13 11.72 -5.09
C PHE B 100 -4.21 12.90 -5.39
N VAL B 101 -3.91 13.71 -4.38
CA VAL B 101 -3.08 14.88 -4.58
C VAL B 101 -1.68 14.48 -5.01
N HIS B 102 -1.20 13.32 -4.52
CA HIS B 102 0.13 12.85 -4.84
C HIS B 102 0.19 11.92 -6.04
N ARG B 103 -0.98 11.53 -6.59
CA ARG B 103 -1.08 10.53 -7.64
C ARG B 103 -0.58 9.17 -7.15
N PHE B 104 -0.74 8.93 -5.83
CA PHE B 104 -0.51 7.61 -5.32
C PHE B 104 -1.72 6.76 -5.67
N PRO B 105 -1.49 5.58 -6.27
CA PRO B 105 -2.56 5.01 -7.13
C PRO B 105 -3.61 4.18 -6.42
N PHE B 106 -4.18 4.73 -5.35
CA PHE B 106 -5.33 4.15 -4.71
C PHE B 106 -6.25 5.28 -4.28
N VAL B 107 -7.40 5.40 -4.99
CA VAL B 107 -8.30 6.49 -4.72
C VAL B 107 -9.69 5.94 -4.96
N ALA B 108 -10.62 6.17 -4.01
CA ALA B 108 -11.91 5.50 -4.12
C ALA B 108 -13.05 6.46 -3.93
N VAL B 109 -14.17 6.18 -4.58
CA VAL B 109 -15.44 6.80 -4.24
C VAL B 109 -16.23 5.78 -3.42
N SER B 110 -16.82 6.22 -2.30
CA SER B 110 -17.53 5.31 -1.43
C SER B 110 -18.96 5.80 -1.18
N ILE B 111 -19.90 4.88 -1.34
CA ILE B 111 -21.29 5.19 -1.03
C ILE B 111 -21.85 4.06 -0.20
N GLY B 112 -22.30 4.39 1.02
CA GLY B 112 -23.04 3.41 1.82
C GLY B 112 -24.48 3.89 1.95
N PHE B 113 -25.43 2.96 2.08
CA PHE B 113 -26.83 3.30 2.19
C PHE B 113 -27.42 2.61 3.42
N ALA B 114 -27.95 3.41 4.35
CA ALA B 114 -28.44 2.85 5.59
C ALA B 114 -29.93 3.12 5.68
N VAL B 115 -30.62 2.13 6.26
CA VAL B 115 -32.04 2.23 6.59
C VAL B 115 -32.16 1.72 8.02
N ASN B 116 -32.81 2.53 8.88
CA ASN B 116 -32.92 2.16 10.28
C ASN B 116 -31.53 2.03 10.90
N LYS B 117 -30.59 2.88 10.46
CA LYS B 117 -29.22 2.91 10.98
C LYS B 117 -28.44 1.64 10.63
N LYS B 118 -28.98 0.79 9.76
CA LYS B 118 -28.26 -0.40 9.31
C LYS B 118 -27.91 -0.29 7.82
N ILE B 119 -26.68 -0.70 7.49
CA ILE B 119 -26.28 -0.60 6.09
C ILE B 119 -26.96 -1.68 5.28
N GLU B 120 -27.60 -1.28 4.18
CA GLU B 120 -28.28 -2.21 3.31
C GLU B 120 -27.49 -2.46 2.03
N PHE B 121 -26.68 -1.47 1.61
CA PHE B 121 -25.80 -1.79 0.50
C PHE B 121 -24.61 -0.83 0.53
N GLY B 122 -23.54 -1.25 -0.16
CA GLY B 122 -22.37 -0.41 -0.19
C GLY B 122 -21.73 -0.53 -1.57
N VAL B 123 -21.12 0.57 -2.02
CA VAL B 123 -20.47 0.64 -3.30
C VAL B 123 -19.14 1.36 -3.11
N VAL B 124 -18.02 0.74 -3.49
CA VAL B 124 -16.74 1.42 -3.46
C VAL B 124 -16.12 1.26 -4.85
N TYR B 125 -15.87 2.40 -5.49
CA TYR B 125 -15.24 2.35 -6.79
C TYR B 125 -13.80 2.81 -6.67
N SER B 126 -12.87 1.89 -6.91
CA SER B 126 -11.46 2.21 -6.85
C SER B 126 -11.02 2.62 -8.25
N CYS B 127 -10.87 3.92 -8.41
N CYS B 127 -10.95 3.91 -8.53
CA CYS B 127 -10.89 4.60 -9.68
CA CYS B 127 -11.01 4.24 -9.96
C CYS B 127 -9.70 4.20 -10.56
C CYS B 127 -9.65 4.10 -10.67
N VAL B 128 -8.53 4.18 -9.93
CA VAL B 128 -7.25 4.06 -10.64
C VAL B 128 -7.12 2.64 -11.20
N GLU B 129 -7.61 1.67 -10.44
CA GLU B 129 -7.55 0.26 -10.80
C GLU B 129 -8.76 -0.17 -11.62
N GLY B 130 -9.80 0.68 -11.71
CA GLY B 130 -10.99 0.30 -12.41
C GLY B 130 -11.73 -0.85 -11.73
N LYS B 131 -11.77 -0.82 -10.39
CA LYS B 131 -12.38 -1.90 -9.64
C LYS B 131 -13.63 -1.40 -8.93
N MET B 132 -14.78 -1.96 -9.28
CA MET B 132 -16.06 -1.61 -8.70
C MET B 132 -16.45 -2.69 -7.72
N TYR B 133 -16.40 -2.35 -6.42
CA TYR B 133 -16.80 -3.26 -5.36
C TYR B 133 -18.22 -2.93 -4.95
N THR B 134 -19.05 -3.98 -4.83
CA THR B 134 -20.43 -3.74 -4.45
C THR B 134 -20.89 -4.85 -3.53
N ALA B 135 -21.85 -4.53 -2.66
CA ALA B 135 -22.50 -5.56 -1.86
C ALA B 135 -23.87 -5.05 -1.45
N ARG B 136 -24.87 -5.94 -1.55
CA ARG B 136 -26.19 -5.72 -0.97
C ARG B 136 -26.38 -6.73 0.17
N LYS B 137 -27.02 -6.32 1.26
CA LYS B 137 -27.20 -7.20 2.42
C LYS B 137 -27.90 -8.48 1.97
N GLY B 138 -27.29 -9.61 2.32
CA GLY B 138 -27.82 -10.94 2.00
C GLY B 138 -27.58 -11.41 0.57
N LYS B 139 -26.86 -10.64 -0.26
CA LYS B 139 -26.72 -10.99 -1.66
C LYS B 139 -25.26 -11.17 -2.06
N GLY B 140 -24.35 -11.03 -1.09
CA GLY B 140 -22.95 -11.25 -1.39
C GLY B 140 -22.20 -9.98 -1.80
N ALA B 141 -20.88 -10.15 -1.97
CA ALA B 141 -20.00 -9.06 -2.37
C ALA B 141 -19.32 -9.38 -3.68
N PHE B 142 -19.11 -8.33 -4.48
CA PHE B 142 -18.53 -8.57 -5.79
C PHE B 142 -17.54 -7.48 -6.11
N CYS B 143 -16.61 -7.82 -7.00
N CYS B 143 -16.54 -7.81 -6.95
CA CYS B 143 -15.76 -6.82 -7.58
CA CYS B 143 -15.64 -6.86 -7.56
C CYS B 143 -15.59 -7.06 -9.07
C CYS B 143 -15.74 -7.13 -9.05
N ASN B 144 -16.23 -6.14 -9.82
CA ASN B 144 -16.25 -6.29 -11.29
C ASN B 144 -16.92 -7.61 -11.64
N GLY B 145 -18.00 -7.89 -10.90
CA GLY B 145 -18.82 -9.06 -11.13
C GLY B 145 -18.29 -10.36 -10.54
N GLN B 146 -17.04 -10.36 -10.02
CA GLN B 146 -16.48 -11.55 -9.41
C GLN B 146 -16.86 -11.60 -7.92
N LYS B 147 -17.44 -12.72 -7.46
CA LYS B 147 -17.84 -12.87 -6.08
C LYS B 147 -16.63 -12.92 -5.16
N LEU B 148 -16.69 -12.17 -4.06
CA LEU B 148 -15.54 -12.05 -3.18
C LEU B 148 -15.74 -12.98 -1.99
N GLN B 149 -14.60 -13.43 -1.49
CA GLN B 149 -14.63 -14.16 -0.23
C GLN B 149 -13.38 -13.82 0.57
N VAL B 150 -13.60 -13.49 1.86
CA VAL B 150 -12.48 -13.24 2.77
C VAL B 150 -11.58 -14.48 2.88
N SER B 151 -10.35 -14.22 3.37
CA SER B 151 -9.43 -15.31 3.61
C SER B 151 -9.91 -16.19 4.77
N GLN B 152 -9.28 -17.37 4.86
N GLN B 152 -9.29 -17.39 4.85
CA GLN B 152 -9.66 -18.34 5.87
CA GLN B 152 -9.69 -18.34 5.88
C GLN B 152 -8.90 -18.10 7.17
C GLN B 152 -8.80 -18.26 7.11
N GLN B 153 -7.72 -17.47 7.06
CA GLN B 153 -6.71 -17.45 8.11
C GLN B 153 -7.26 -17.15 9.50
N GLU B 154 -7.04 -18.11 10.44
CA GLU B 154 -7.46 -17.88 11.79
C GLU B 154 -6.26 -17.74 12.74
N ASP B 155 -5.05 -17.84 12.21
CA ASP B 155 -3.89 -17.68 13.06
C ASP B 155 -3.34 -16.27 12.85
N ILE B 156 -3.40 -15.46 13.89
CA ILE B 156 -2.92 -14.08 13.87
C ILE B 156 -1.45 -14.01 13.45
N THR B 157 -0.66 -15.07 13.76
CA THR B 157 0.76 -15.00 13.49
C THR B 157 1.06 -15.27 12.02
N LYS B 158 0.00 -15.59 11.25
CA LYS B 158 0.15 -15.81 9.83
C LYS B 158 -0.69 -14.79 9.07
N SER B 159 -1.05 -13.71 9.76
CA SER B 159 -2.02 -12.75 9.20
C SER B 159 -1.29 -11.53 8.66
N LEU B 160 -1.95 -10.91 7.64
CA LEU B 160 -1.47 -9.65 7.09
C LEU B 160 -2.54 -8.59 7.35
N LEU B 161 -2.11 -7.53 8.03
CA LEU B 161 -3.06 -6.52 8.43
C LEU B 161 -2.90 -5.27 7.54
N VAL B 162 -4.01 -4.54 7.43
CA VAL B 162 -3.95 -3.19 6.86
C VAL B 162 -4.44 -2.16 7.90
N THR B 163 -3.83 -0.98 7.88
CA THR B 163 -4.26 0.08 8.76
C THR B 163 -3.76 1.38 8.15
N GLU B 164 -4.10 2.52 8.80
CA GLU B 164 -3.51 3.79 8.39
C GLU B 164 -3.09 4.57 9.64
N LEU B 165 -2.18 5.53 9.46
CA LEU B 165 -1.65 6.25 10.62
C LEU B 165 -2.60 7.34 11.09
N GLY B 166 -3.50 7.83 10.23
CA GLY B 166 -4.53 8.79 10.63
C GLY B 166 -4.11 10.23 10.39
N SER B 167 -5.01 11.14 10.78
CA SER B 167 -4.85 12.53 10.38
C SER B 167 -4.20 13.35 11.49
N SER B 168 -4.14 12.79 12.69
CA SER B 168 -3.58 13.55 13.80
C SER B 168 -2.06 13.57 13.66
N ARG B 169 -1.43 14.67 14.09
CA ARG B 169 0.02 14.72 14.15
C ARG B 169 0.47 15.08 15.56
N THR B 170 -0.49 15.01 16.48
CA THR B 170 -0.21 15.29 17.88
C THR B 170 0.64 14.16 18.43
N PRO B 171 1.83 14.45 18.99
CA PRO B 171 2.80 13.39 19.32
C PRO B 171 2.16 12.34 20.20
N GLU B 172 1.34 12.75 21.18
CA GLU B 172 0.77 11.82 22.13
C GLU B 172 -0.03 10.81 21.35
N THR B 173 -0.81 11.32 20.40
CA THR B 173 -1.79 10.51 19.72
C THR B 173 -1.06 9.57 18.76
N VAL B 174 -0.11 10.14 18.04
CA VAL B 174 0.69 9.35 17.13
C VAL B 174 1.38 8.22 17.90
N ARG B 175 1.89 8.55 19.11
N ARG B 175 2.03 8.58 19.02
N ARG B 175 1.90 8.54 19.10
CA ARG B 175 2.50 7.49 19.91
CA ARG B 175 2.78 7.58 19.77
CA ARG B 175 2.51 7.51 19.94
C ARG B 175 1.53 6.35 20.21
C ARG B 175 1.87 6.40 20.10
C ARG B 175 1.49 6.43 20.26
N MET B 176 0.25 6.62 20.51
N MET B 176 0.58 6.66 20.36
CA MET B 176 -0.67 5.54 20.79
CA MET B 176 -0.37 5.62 20.71
C MET B 176 -0.93 4.73 19.50
C MET B 176 -0.73 4.76 19.49
N VAL B 177 -1.07 5.42 18.38
CA VAL B 177 -1.27 4.71 17.11
C VAL B 177 -0.08 3.78 16.86
N LEU B 178 1.16 4.32 16.99
CA LEU B 178 2.32 3.51 16.72
C LEU B 178 2.50 2.42 17.77
N SER B 179 2.11 2.72 19.02
CA SER B 179 2.21 1.67 20.02
C SER B 179 1.26 0.50 19.73
N ASN B 180 0.05 0.82 19.24
CA ASN B 180 -0.87 -0.23 18.84
C ASN B 180 -0.24 -1.04 17.71
N MET B 181 0.40 -0.33 16.76
N MET B 181 0.40 -0.35 16.76
CA MET B 181 1.04 -0.98 15.65
CA MET B 181 1.03 -1.05 15.65
C MET B 181 2.16 -1.93 16.13
C MET B 181 2.16 -1.97 16.15
N GLU B 182 2.97 -1.45 17.08
CA GLU B 182 4.07 -2.21 17.67
C GLU B 182 3.58 -3.50 18.32
N LYS B 183 2.49 -3.41 19.06
CA LYS B 183 1.95 -4.57 19.74
C LYS B 183 1.49 -5.61 18.74
N LEU B 184 0.77 -5.18 17.71
CA LEU B 184 0.29 -6.15 16.74
C LEU B 184 1.47 -6.69 15.98
N PHE B 185 2.38 -5.81 15.58
CA PHE B 185 3.51 -6.22 14.79
C PHE B 185 4.31 -7.31 15.49
N CYS B 186 4.44 -7.16 16.84
CA CYS B 186 5.26 -8.02 17.68
C CYS B 186 4.56 -9.28 18.17
N ILE B 187 3.31 -9.50 17.77
CA ILE B 187 2.62 -10.72 18.13
C ILE B 187 3.43 -11.96 17.79
N PRO B 188 4.04 -12.11 16.59
CA PRO B 188 3.97 -11.11 15.49
C PRO B 188 2.91 -11.48 14.48
N VAL B 189 2.61 -10.47 13.63
CA VAL B 189 1.88 -10.80 12.41
C VAL B 189 2.88 -10.84 11.24
N HIS B 190 2.37 -11.28 10.09
CA HIS B 190 3.24 -11.31 8.92
C HIS B 190 3.63 -9.92 8.44
N GLY B 191 2.68 -8.98 8.55
CA GLY B 191 3.07 -7.64 8.09
C GLY B 191 1.83 -6.75 8.29
N ILE B 192 2.11 -5.47 8.10
CA ILE B 192 1.08 -4.44 8.10
C ILE B 192 1.30 -3.67 6.81
N ARG B 193 0.18 -3.33 6.17
CA ARG B 193 0.29 -2.53 4.93
C ARG B 193 -0.62 -1.32 5.09
N SER B 194 -0.34 -0.29 4.29
CA SER B 194 -1.14 0.96 4.30
C SER B 194 -1.18 1.49 2.87
N VAL B 195 -2.34 1.37 2.20
CA VAL B 195 -2.38 1.91 0.82
C VAL B 195 -2.92 3.34 0.83
N GLY B 196 -3.43 3.83 1.97
CA GLY B 196 -3.79 5.26 2.06
C GLY B 196 -5.28 5.52 1.92
N THR B 197 -6.15 4.50 2.08
CA THR B 197 -7.60 4.78 2.08
C THR B 197 -8.24 3.63 2.84
N ALA B 198 -9.13 4.02 3.76
CA ALA B 198 -9.83 3.02 4.58
C ALA B 198 -10.72 2.14 3.71
N ALA B 199 -11.43 2.76 2.77
CA ALA B 199 -12.31 1.97 1.93
C ALA B 199 -11.57 0.93 1.10
N VAL B 200 -10.45 1.29 0.51
CA VAL B 200 -9.70 0.31 -0.27
C VAL B 200 -9.08 -0.72 0.67
N ASN B 201 -8.56 -0.28 1.84
CA ASN B 201 -8.03 -1.27 2.75
C ASN B 201 -9.09 -2.31 3.08
N MET B 202 -10.30 -1.86 3.33
CA MET B 202 -11.36 -2.79 3.72
C MET B 202 -11.76 -3.66 2.53
N CYS B 203 -11.76 -3.10 1.32
CA CYS B 203 -12.04 -3.94 0.16
C CYS B 203 -10.94 -4.98 -0.06
N LEU B 204 -9.68 -4.68 0.35
CA LEU B 204 -8.64 -5.69 0.26
C LEU B 204 -8.96 -6.84 1.22
N VAL B 205 -9.47 -6.54 2.40
CA VAL B 205 -9.93 -7.59 3.32
C VAL B 205 -11.05 -8.40 2.66
N ALA B 206 -12.03 -7.73 2.03
CA ALA B 206 -13.13 -8.45 1.40
C ALA B 206 -12.59 -9.41 0.34
N THR B 207 -11.54 -9.02 -0.40
CA THR B 207 -11.07 -9.92 -1.44
C THR B 207 -10.23 -11.10 -0.90
N GLY B 208 -9.73 -10.99 0.33
CA GLY B 208 -8.85 -11.98 0.91
C GLY B 208 -7.38 -11.62 0.81
N GLY B 209 -7.06 -10.50 0.11
CA GLY B 209 -5.69 -10.11 -0.06
C GLY B 209 -5.04 -9.57 1.23
N ALA B 210 -5.87 -9.12 2.16
CA ALA B 210 -5.42 -8.88 3.53
C ALA B 210 -6.40 -9.63 4.44
N ASP B 211 -5.96 -9.86 5.69
CA ASP B 211 -6.78 -10.66 6.60
C ASP B 211 -7.64 -9.80 7.52
N ALA B 212 -7.15 -8.58 7.82
CA ALA B 212 -7.97 -7.69 8.64
C ALA B 212 -7.45 -6.26 8.52
N TYR B 213 -8.41 -5.33 8.74
CA TYR B 213 -8.16 -3.90 8.79
C TYR B 213 -8.58 -3.43 10.16
N TYR B 214 -7.85 -2.48 10.72
CA TYR B 214 -8.35 -1.79 11.91
C TYR B 214 -7.94 -0.35 11.79
N GLU B 215 -8.73 0.54 12.40
CA GLU B 215 -8.29 1.90 12.51
C GLU B 215 -9.19 2.63 13.50
N MET B 216 -8.61 3.64 14.19
CA MET B 216 -9.41 4.59 14.96
C MET B 216 -9.16 5.96 14.38
N GLY B 217 -10.25 6.64 14.11
CA GLY B 217 -10.18 8.02 13.63
C GLY B 217 -10.86 8.16 12.27
N ILE B 218 -11.28 7.03 11.70
CA ILE B 218 -12.11 7.12 10.53
C ILE B 218 -13.46 7.70 10.89
N HIS B 219 -14.26 8.00 9.89
CA HIS B 219 -15.61 8.48 10.02
C HIS B 219 -16.57 7.52 9.37
N CYS B 220 -17.88 7.76 9.58
CA CYS B 220 -18.85 6.82 9.06
C CYS B 220 -18.69 6.69 7.54
N TRP B 221 -18.38 7.80 6.85
CA TRP B 221 -18.33 7.72 5.40
C TRP B 221 -17.14 6.91 4.92
N ASP B 222 -16.11 6.77 5.74
CA ASP B 222 -14.96 5.95 5.34
C ASP B 222 -15.32 4.50 5.28
N VAL B 223 -16.27 4.05 6.10
CA VAL B 223 -16.47 2.64 6.32
C VAL B 223 -17.87 2.20 5.93
N ALA B 224 -18.79 3.13 5.65
CA ALA B 224 -20.18 2.76 5.41
C ALA B 224 -20.33 1.94 4.13
N GLY B 225 -19.57 2.25 3.08
CA GLY B 225 -19.68 1.51 1.84
C GLY B 225 -18.94 0.16 1.95
N ALA B 226 -17.74 0.17 2.51
CA ALA B 226 -16.88 -1.00 2.45
C ALA B 226 -17.20 -2.02 3.54
N GLY B 227 -17.82 -1.59 4.64
CA GLY B 227 -18.08 -2.54 5.73
C GLY B 227 -18.99 -3.66 5.26
N ILE B 228 -20.05 -3.34 4.50
CA ILE B 228 -20.94 -4.42 4.11
C ILE B 228 -20.30 -5.25 3.00
N ILE B 229 -19.34 -4.67 2.28
CA ILE B 229 -18.59 -5.45 1.29
C ILE B 229 -17.80 -6.51 2.06
N VAL B 230 -17.16 -6.13 3.14
CA VAL B 230 -16.44 -7.11 3.95
C VAL B 230 -17.41 -8.20 4.47
N THR B 231 -18.49 -7.78 5.09
CA THR B 231 -19.34 -8.79 5.71
C THR B 231 -20.03 -9.67 4.68
N GLU B 232 -20.45 -9.08 3.55
CA GLU B 232 -21.03 -9.90 2.48
C GLU B 232 -20.00 -10.83 1.84
N ALA B 233 -18.70 -10.55 1.96
CA ALA B 233 -17.65 -11.45 1.54
C ALA B 233 -17.36 -12.50 2.62
N GLY B 234 -18.10 -12.46 3.71
CA GLY B 234 -17.91 -13.46 4.74
C GLY B 234 -17.20 -12.98 5.99
N GLY B 235 -16.82 -11.68 6.03
CA GLY B 235 -16.06 -11.22 7.18
C GLY B 235 -16.95 -10.64 8.27
N VAL B 236 -16.29 -9.90 9.17
CA VAL B 236 -16.97 -9.36 10.32
C VAL B 236 -16.53 -7.93 10.57
N LEU B 237 -17.42 -7.14 11.18
CA LEU B 237 -17.02 -5.83 11.66
C LEU B 237 -17.17 -5.86 13.18
N MET B 238 -16.25 -5.23 13.87
CA MET B 238 -16.26 -5.23 15.32
C MET B 238 -15.75 -3.86 15.73
N ASP B 239 -16.16 -3.42 16.91
N ASP B 239 -16.14 -3.44 16.92
CA ASP B 239 -15.48 -2.27 17.51
CA ASP B 239 -15.48 -2.29 17.53
C ASP B 239 -14.10 -2.70 18.05
C ASP B 239 -14.10 -2.71 18.06
N VAL B 240 -13.18 -1.74 18.24
CA VAL B 240 -11.85 -2.06 18.75
C VAL B 240 -11.89 -2.57 20.20
N THR B 241 -13.01 -2.31 20.90
CA THR B 241 -13.21 -2.84 22.26
C THR B 241 -13.51 -4.33 22.19
N GLY B 242 -13.80 -4.83 20.99
CA GLY B 242 -14.29 -6.19 20.94
C GLY B 242 -15.82 -6.24 20.92
N GLY B 243 -16.47 -5.11 21.20
CA GLY B 243 -17.91 -5.01 21.16
C GLY B 243 -18.46 -4.90 19.74
N PRO B 244 -19.77 -4.77 19.58
CA PRO B 244 -20.38 -4.62 18.26
C PRO B 244 -19.88 -3.35 17.55
N PHE B 245 -19.77 -3.48 16.21
CA PHE B 245 -19.36 -2.32 15.44
C PHE B 245 -20.39 -1.21 15.63
N ASP B 246 -19.87 0.04 15.74
CA ASP B 246 -20.68 1.23 15.89
C ASP B 246 -20.24 2.21 14.81
N LEU B 247 -21.13 2.37 13.84
CA LEU B 247 -20.84 3.20 12.66
C LEU B 247 -20.49 4.64 13.00
N MET B 248 -20.94 5.18 14.15
CA MET B 248 -20.64 6.55 14.48
C MET B 248 -19.46 6.66 15.45
N SER B 249 -18.79 5.55 15.78
CA SER B 249 -17.80 5.58 16.87
C SER B 249 -16.40 6.02 16.46
N ARG B 250 -16.12 6.11 15.15
CA ARG B 250 -14.80 6.47 14.67
C ARG B 250 -13.81 5.30 14.75
N ARG B 251 -14.30 4.07 14.98
N ARG B 251 -14.30 4.07 14.98
N ARG B 251 -14.32 4.07 14.95
CA ARG B 251 -13.41 2.95 15.22
CA ARG B 251 -13.41 2.95 15.22
CA ARG B 251 -13.41 2.95 15.17
C ARG B 251 -13.95 1.72 14.49
C ARG B 251 -13.95 1.72 14.49
C ARG B 251 -13.95 1.76 14.43
N VAL B 252 -13.03 0.91 13.95
CA VAL B 252 -13.45 -0.31 13.28
C VAL B 252 -12.33 -1.32 13.30
N ILE B 253 -12.74 -2.58 13.45
CA ILE B 253 -11.95 -3.73 12.98
C ILE B 253 -12.82 -4.40 11.94
N ALA B 254 -12.29 -4.60 10.72
CA ALA B 254 -13.02 -5.31 9.69
C ALA B 254 -12.14 -6.47 9.32
N ALA B 255 -12.60 -7.66 9.65
CA ALA B 255 -11.70 -8.80 9.52
C ALA B 255 -12.36 -9.93 8.77
N ASN B 256 -11.50 -10.88 8.36
CA ASN B 256 -12.03 -12.08 7.74
C ASN B 256 -12.93 -12.87 8.71
N ASN B 257 -12.58 -12.86 10.00
CA ASN B 257 -13.36 -13.66 10.96
C ASN B 257 -13.19 -13.14 12.36
N ARG B 258 -14.07 -13.61 13.28
N ARG B 258 -14.07 -13.61 13.28
N ARG B 258 -14.05 -13.64 13.26
CA ARG B 258 -14.11 -13.13 14.65
CA ARG B 258 -14.09 -13.08 14.63
CA ARG B 258 -14.15 -13.19 14.64
C ARG B 258 -12.84 -13.51 15.42
C ARG B 258 -12.84 -13.51 15.42
C ARG B 258 -12.88 -13.52 15.41
N ILE B 259 -12.21 -14.63 15.06
CA ILE B 259 -11.00 -15.01 15.75
C ILE B 259 -9.91 -13.96 15.57
N LEU B 260 -9.64 -13.55 14.32
CA LEU B 260 -8.63 -12.53 14.16
C LEU B 260 -9.09 -11.18 14.73
N ALA B 261 -10.38 -10.85 14.53
CA ALA B 261 -10.90 -9.57 14.97
C ALA B 261 -10.70 -9.42 16.47
N GLU B 262 -11.14 -10.47 17.20
CA GLU B 262 -10.99 -10.38 18.65
C GLU B 262 -9.54 -10.33 19.13
N ARG B 263 -8.62 -11.00 18.41
N ARG B 263 -8.62 -11.01 18.43
CA ARG B 263 -7.20 -11.04 18.72
CA ARG B 263 -7.23 -10.96 18.81
C ARG B 263 -6.53 -9.69 18.49
C ARG B 263 -6.66 -9.56 18.61
N ILE B 264 -6.99 -8.95 17.46
CA ILE B 264 -6.54 -7.60 17.24
C ILE B 264 -7.08 -6.69 18.33
N ALA B 265 -8.37 -6.81 18.68
CA ALA B 265 -9.01 -5.94 19.66
C ALA B 265 -8.25 -6.01 20.98
N LYS B 266 -7.76 -7.21 21.30
CA LYS B 266 -6.99 -7.41 22.55
C LYS B 266 -5.75 -6.53 22.66
N GLU B 267 -5.13 -6.12 21.55
CA GLU B 267 -3.90 -5.36 21.62
C GLU B 267 -4.10 -3.84 21.48
N ILE B 268 -5.31 -3.42 21.12
N ILE B 268 -5.33 -3.43 21.15
CA ILE B 268 -5.49 -2.00 20.80
CA ILE B 268 -5.55 -2.02 20.82
C ILE B 268 -5.83 -1.22 22.06
C ILE B 268 -5.85 -1.20 22.06
N GLN B 269 -5.03 -0.18 22.30
N GLN B 269 -5.07 -0.14 22.26
CA GLN B 269 -5.36 0.85 23.27
CA GLN B 269 -5.34 0.89 23.25
C GLN B 269 -6.22 1.89 22.55
C GLN B 269 -6.16 1.98 22.59
N VAL B 270 -7.35 2.23 23.14
CA VAL B 270 -8.31 3.13 22.53
C VAL B 270 -7.83 4.57 22.57
N ILE B 271 -8.02 5.26 21.44
N ILE B 271 -7.88 5.29 21.43
CA ILE B 271 -7.66 6.66 21.32
CA ILE B 271 -7.58 6.70 21.51
C ILE B 271 -8.92 7.52 21.48
C ILE B 271 -8.88 7.50 21.54
N PRO B 272 -8.93 8.62 22.28
CA PRO B 272 -10.18 9.36 22.47
C PRO B 272 -10.52 10.17 21.22
N LEU B 273 -11.75 10.05 20.75
CA LEU B 273 -12.16 10.79 19.56
C LEU B 273 -13.59 11.26 19.68
N GLN B 274 -13.88 12.40 19.06
CA GLN B 274 -15.25 12.88 18.97
C GLN B 274 -16.01 11.95 18.04
N ARG B 275 -17.09 11.36 18.52
CA ARG B 275 -17.94 10.55 17.70
C ARG B 275 -18.62 11.33 16.58
N ASP B 276 -19.06 10.62 15.54
CA ASP B 276 -19.78 11.28 14.45
C ASP B 276 -21.19 11.72 14.86
N ASP B 277 -21.67 11.22 15.99
CA ASP B 277 -22.99 11.61 16.50
C ASP B 277 -22.83 12.61 17.65
N GLU B 278 -21.64 13.17 17.82
CA GLU B 278 -21.40 14.22 18.81
C GLU B 278 -20.93 15.51 18.13
N ASP B 279 -20.99 16.62 18.87
CA ASP B 279 -20.59 17.96 18.42
C ASP B 279 -19.30 18.45 19.12
NA NA C . 12.56 -13.43 1.12
MN MN D . 12.68 -12.89 1.21
MN MN E . 12.24 -12.05 -2.40
MN MN E . 12.82 -11.64 -2.33
NA NA F . 13.09 -8.47 -1.24
S SO4 G . 9.32 -9.90 1.36
S SO4 G . 11.43 -11.30 -0.28
O1 SO4 G . 10.36 -10.17 2.30
O1 SO4 G . 12.02 -11.92 0.92
O2 SO4 G . 9.63 -10.36 0.02
O2 SO4 G . 10.63 -12.30 -0.93
O3 SO4 G . 8.06 -10.32 1.75
O3 SO4 G . 10.60 -10.15 0.07
O4 SO4 G . 9.20 -8.47 1.25
O4 SO4 G . 12.45 -10.85 -1.18
C1 GOL H . 10.72 21.50 7.70
O1 GOL H . 12.08 21.09 7.60
C2 GOL H . 10.35 21.89 9.11
O2 GOL H . 10.95 21.01 10.05
C3 GOL H . 8.86 21.97 9.34
O3 GOL H . 8.27 22.97 8.53
C1 GOL I . 21.77 -8.08 9.94
C1 GOL I . 21.78 -7.96 10.34
O1 GOL I . 22.44 -7.15 10.79
O1 GOL I . 22.35 -7.29 11.46
C2 GOL I . 20.63 -8.75 10.65
C2 GOL I . 20.59 -8.78 10.76
O2 GOL I . 20.08 -7.87 11.63
O2 GOL I . 19.68 -7.98 11.50
C3 GOL I . 19.53 -9.21 9.70
C3 GOL I . 19.86 -9.44 9.60
O3 GOL I . 18.74 -8.11 9.25
O3 GOL I . 18.48 -9.65 9.92
C1 GOL J . 2.44 2.43 7.92
O1 GOL J . 2.77 2.88 6.61
C2 GOL J . 2.74 0.96 8.08
O2 GOL J . 1.82 0.18 7.29
C3 GOL J . 4.14 0.60 7.62
O3 GOL J . 4.26 -0.82 7.44
C1 GOL K . 12.22 -6.74 1.70
C1 GOL K . 12.29 -7.26 1.48
O1 GOL K . 12.27 -7.79 0.73
O1 GOL K . 11.95 -8.33 0.60
C2 GOL K . 11.00 -5.91 1.42
C2 GOL K . 11.19 -6.23 1.43
O2 GOL K . 10.95 -5.60 0.02
O2 GOL K . 11.12 -5.66 0.12
C3 GOL K . 10.91 -4.71 2.34
C3 GOL K . 11.31 -5.22 2.54
O3 GOL K . 11.35 -5.06 3.64
O3 GOL K . 11.03 -3.92 2.04
C1 GOL L . 11.66 2.19 -22.97
O1 GOL L . 10.35 1.63 -22.82
C2 GOL L . 11.97 2.53 -24.41
O2 GOL L . 13.32 2.96 -24.55
C3 GOL L . 11.68 1.38 -25.36
O3 GOL L . 11.24 0.25 -24.61
C1 GOL M . 15.41 -9.90 5.57
O1 GOL M . 14.49 -10.97 5.77
C2 GOL M . 16.52 -9.95 6.58
O2 GOL M . 17.30 -8.76 6.49
C3 GOL M . 17.40 -11.18 6.49
O3 GOL M . 18.63 -11.02 7.19
C11 9JT N . 0.69 4.03 -19.66
C12 9JT N . -0.47 4.54 -20.22
C13 9JT N . -0.86 4.11 -21.48
C14 9JT N . -0.12 3.15 -22.15
C15 9JT N . 1.01 2.61 -21.56
O09 9JT N . 0.98 2.48 -17.36
C08 9JT N . 1.25 3.68 -17.32
C07 9JT N . 1.78 4.30 -16.06
C06 9JT N . 1.46 5.63 -15.73
C05 9JT N . 1.93 6.21 -14.56
C04 9JT N . 2.73 5.44 -13.72
C03 9JT N . 3.07 4.14 -14.05
C02 9JT N . 2.59 3.54 -15.22
SE1 9JT N . 2.98 1.74 -15.81
SE1 9JT N . 1.68 2.30 -15.75
N10 9JT N . 1.11 4.48 -18.38
C16 9JT N . 1.42 3.06 -20.31
NA NA O . -3.96 -13.54 4.35
NA NA P . 14.23 15.73 14.92
NA NA Q . 8.08 -6.57 2.73
NA NA R . 4.13 13.68 -3.96
NA NA S . -12.10 9.13 3.89
MN MN T . -12.10 9.27 3.88
MN MN U . -12.74 11.80 1.45
MN MN V . -11.00 14.23 3.80
MN MN W . -10.72 13.29 3.73
C1 GOL X . -8.05 6.48 6.58
O1 GOL X . -7.23 7.27 7.46
C2 GOL X . -8.69 7.40 5.56
O2 GOL X . -9.34 6.64 4.53
C3 GOL X . -9.74 8.36 6.05
O3 GOL X . -10.11 9.27 4.99
S SO4 Y . -7.86 11.05 2.96
O1 SO4 Y . -7.94 10.31 4.14
O2 SO4 Y . -6.54 11.22 2.41
O3 SO4 Y . -8.30 12.39 3.40
O4 SO4 Y . -8.91 10.70 2.04
C1 GOL Z . -11.72 15.04 17.04
O1 GOL Z . -11.95 13.79 17.67
C2 GOL Z . -10.56 14.90 16.09
O2 GOL Z . -9.43 14.53 16.85
C3 GOL Z . -10.83 13.85 15.05
O3 GOL Z . -9.60 13.43 14.43
O1 MES AA . -9.42 -6.29 24.65
C2 MES AA . -9.47 -4.87 24.57
C3 MES AA . -8.08 -4.28 24.65
N4 MES AA . -7.52 -4.66 25.98
C5 MES AA . -7.49 -6.14 26.13
C6 MES AA . -8.86 -6.73 25.89
C7 MES AA . -6.19 -4.08 26.30
C8 MES AA . -5.81 -2.86 25.48
S MES AA . -4.17 -2.39 25.94
O1S MES AA . -3.74 -3.40 26.87
O2S MES AA . -3.38 -2.38 24.73
O3S MES AA . -4.30 -1.09 26.55
C1 GOL BA . -9.60 15.06 -20.24
O1 GOL BA . -9.72 13.67 -19.94
C2 GOL BA . -8.63 15.79 -19.33
O2 GOL BA . -9.21 16.05 -18.06
C3 GOL BA . -7.30 15.10 -19.15
O3 GOL BA . -6.37 15.93 -18.47
C11 9JT CA . -12.34 -10.25 -12.71
C11 9JT CA . -12.43 -10.14 -12.72
C12 9JT CA . -11.71 -11.05 -13.65
C12 9JT CA . -11.46 -10.36 -13.69
C13 9JT CA . -12.20 -11.08 -14.94
C13 9JT CA . -11.83 -10.57 -15.00
C14 9JT CA . -13.32 -10.35 -15.29
C14 9JT CA . -13.16 -10.55 -15.37
C15 9JT CA . -13.95 -9.57 -14.35
C15 9JT CA . -14.12 -10.35 -14.41
O09 9JT CA . -11.13 -8.09 -11.35
O09 9JT CA . -9.80 -10.18 -11.63
C08 9JT CA . -11.35 -9.14 -10.77
C08 9JT CA . -10.77 -9.99 -10.90
C07 9JT CA . -11.05 -9.25 -9.31
C07 9JT CA . -10.58 -9.85 -9.42
C06 9JT CA . -10.40 -10.37 -8.78
C06 9JT CA . -10.20 -10.96 -8.66
C05 9JT CA . -10.08 -10.43 -7.44
C05 9JT CA . -10.00 -10.86 -7.30
C04 9JT CA . -10.39 -9.36 -6.61
C04 9JT CA . -10.17 -9.64 -6.67
C03 9JT CA . -11.02 -8.23 -7.13
C03 9JT CA . -10.53 -8.52 -7.40
C02 9JT CA . -11.34 -8.16 -8.48
C02 9JT CA . -10.73 -8.61 -8.77
SE1 9JT CA . -12.24 -6.62 -9.24
SE1 9JT CA . -11.23 -7.05 -9.75
N10 9JT CA . -11.85 -10.22 -11.38
N10 9JT CA . -12.03 -9.93 -11.38
C16 9JT CA . -13.46 -9.51 -13.06
C16 9JT CA . -13.77 -10.12 -13.09
NA NA DA . -2.95 -22.77 10.83
#